data_7LYT
#
_entry.id   7LYT
#
_cell.length_a   1.00
_cell.length_b   1.00
_cell.length_c   1.00
_cell.angle_alpha   90.00
_cell.angle_beta   90.00
_cell.angle_gamma   90.00
#
_symmetry.space_group_name_H-M   'P 1'
#
loop_
_entity.id
_entity.type
_entity.pdbx_description
1 polymer CasPhi
2 polymer crRNA
3 polymer TS-DNA
4 polymer NTS-DNA*
5 non-polymer 'ZINC ION'
6 non-polymer 'MAGNESIUM ION'
#
loop_
_entity_poly.entity_id
_entity_poly.type
_entity_poly.pdbx_seq_one_letter_code
_entity_poly.pdbx_strand_id
1 'polypeptide(L)'
;MPKPAVESEFSKVLKKHFPGERFRSSYMKRGGKILAAQGEEAVVAYLQGKSEEEPPNFQPPAKCHVVTKSRDFAEWPIMK
ASEAIQRYIYALSTTERAACKPGKSSESHAAWFAATGVSNHGYSHVQGLNLIFDHTLGRYDGVLKKVQLRNEKARARLES
INASRADEGLPEIKAEEEEVATNETGHLLQPPGINPSFYVYQTISPQAYRPRDEIVLPPEYAGYVRDPNAPIPLGVVRNR
CDIQKGCPGYIPEWQREAGTAISPKTGKAVTVPGLSPKKNKRMRRYWRSEKEKAQDALLVTVRIGTDWVVIDVRGLLRNA
RWRTIAPKDISLNALLDLFTGDPVIDVRRNIVTFTYTLDACGTYARKWTLKGKQTKATLDKLTATQTVALVAIDLGQTNP
ISAGISRVTQENGALQCEPLDRFTLPDDLLKDISAYRIAWDRNEEELRARSVEALPEAQQAEVRALDGVSKETARTQLCA
DFGLDPKRLPWDKMSSNTTFISEALLSNSVSRDQVFFTPAPKKGAKKKAPVEVMRKDRTWARAYKPRLSVEAQKLKNEAL
WALKRTSPEYLKLSRRKEELCRRSINYVIEKTRRRTQCQIVIPVIEDLNVRFFHGSGKRLPGWDNFFTAKKENRWFIQGL
HKAFSDLRTHRSFYVFEVRPERTSITCPKCGHCEVGNRDGEAFQCLSCGKTCNADLDVATHNLTQVALTGKTMPKREEPR
DAQGTAPARKTKKASKSKAPPAEREDQTPAQEPSQTSHHHHHH
;
A
2 'polyribonucleotide' CAACGAUUGCCCCUCACGAGGGGACAGCUGGUAAUGGGAUACCUU B
3 'polydeoxyribonucleotide'
;(DC)(DG)(DG)(DA)(DG)(DC)(DG)(DG)(DA)(DG)(DG)(DG)(DT)(DG)(DG)(DC)(DG)(DG)(DT)(DA)
(DT)(DC)(DC)(DC)(DA)(DT)(DT)(DA)(DC)(DC)(DA)(DG)(DC)(DT)(DT)(DA)(DA)(DC)(DT)(DA)
(DC)(DG)(DC)(DG)
;
C
4 'polydeoxyribonucleotide'
;(DC)(DG)(DC)(DG)(DT)(DA)(DG)(DT)(DT)(DA)(DT)(DC)(DG)(DA)(DC)(DC)(DA)(DT)(DT)(DA)
(SC)(SC)(SC)(N)(N)(N)(DG)(DG)(DG)(DC)(DC)(DA)(DC)(DC)(DC)(DT)(DC)(DC)(DG)(DC)
(DT)(DC)(DC)(DG)
;
D
#
# COMPACT_ATOMS: atom_id res chain seq x y z
N ALA A 5 -28.08 8.07 13.46
CA ALA A 5 -28.38 6.66 13.66
C ALA A 5 -29.79 6.48 14.20
N VAL A 6 -30.55 5.59 13.59
CA VAL A 6 -31.92 5.29 14.00
C VAL A 6 -32.08 3.78 14.12
N GLU A 7 -32.66 3.33 15.22
CA GLU A 7 -32.87 1.91 15.43
C GLU A 7 -33.80 1.34 14.37
N SER A 8 -33.56 0.09 13.99
CA SER A 8 -34.38 -0.64 13.05
C SER A 8 -35.22 -1.69 13.75
N GLU A 9 -36.37 -2.01 13.15
CA GLU A 9 -37.20 -3.08 13.69
C GLU A 9 -36.50 -4.44 13.60
N PHE A 10 -35.76 -4.68 12.52
CA PHE A 10 -35.06 -5.94 12.36
C PHE A 10 -34.01 -6.15 13.46
N SER A 11 -33.29 -5.09 13.80
CA SER A 11 -32.29 -5.19 14.86
C SER A 11 -32.92 -5.69 16.16
N LYS A 12 -34.14 -5.22 16.45
CA LYS A 12 -34.80 -5.60 17.70
C LYS A 12 -35.01 -7.12 17.77
N VAL A 13 -35.58 -7.71 16.73
CA VAL A 13 -35.92 -9.13 16.79
C VAL A 13 -34.65 -9.97 16.91
N LEU A 14 -33.59 -9.59 16.20
CA LEU A 14 -32.32 -10.31 16.34
C LEU A 14 -31.77 -10.15 17.75
N LYS A 15 -31.64 -8.91 18.22
CA LYS A 15 -31.09 -8.68 19.54
C LYS A 15 -31.94 -9.35 20.62
N LYS A 16 -33.25 -9.45 20.40
CA LYS A 16 -34.11 -10.07 21.40
C LYS A 16 -34.01 -11.58 21.39
N HIS A 17 -33.70 -12.19 20.23
CA HIS A 17 -33.56 -13.64 20.14
C HIS A 17 -32.13 -14.12 19.97
N PHE A 18 -31.32 -13.44 19.16
CA PHE A 18 -29.94 -13.85 18.89
C PHE A 18 -29.00 -12.78 19.42
N PRO A 19 -28.61 -12.85 20.69
CA PRO A 19 -27.72 -11.83 21.25
C PRO A 19 -26.34 -11.82 20.59
N GLY A 20 -25.74 -13.00 20.45
CA GLY A 20 -24.36 -13.11 20.01
C GLY A 20 -24.13 -14.05 18.85
N GLU A 21 -25.07 -14.13 17.91
CA GLU A 21 -24.98 -15.04 16.78
C GLU A 21 -25.01 -14.27 15.46
N ARG A 22 -24.27 -13.16 15.40
CA ARG A 22 -24.18 -12.31 14.21
C ARG A 22 -24.00 -13.14 12.95
N PHE A 23 -24.68 -12.72 11.89
CA PHE A 23 -24.72 -13.43 10.61
C PHE A 23 -24.14 -12.52 9.52
N ARG A 24 -23.72 -13.13 8.41
CA ARG A 24 -23.14 -12.36 7.32
C ARG A 24 -24.23 -11.70 6.49
N SER A 25 -23.79 -10.82 5.58
CA SER A 25 -24.71 -9.91 4.92
C SER A 25 -25.75 -10.66 4.09
N SER A 26 -25.33 -11.70 3.37
CA SER A 26 -26.25 -12.34 2.45
C SER A 26 -27.46 -12.93 3.17
N TYR A 27 -27.23 -13.59 4.31
CA TYR A 27 -28.34 -14.06 5.11
C TYR A 27 -29.14 -12.91 5.71
N MET A 28 -28.47 -11.80 6.05
CA MET A 28 -29.17 -10.65 6.61
C MET A 28 -30.16 -10.07 5.61
N LYS A 29 -29.76 -9.91 4.36
CA LYS A 29 -30.66 -9.37 3.35
C LYS A 29 -31.87 -10.28 3.16
N ARG A 30 -31.61 -11.58 2.94
CA ARG A 30 -32.71 -12.52 2.75
C ARG A 30 -33.56 -12.61 4.00
N GLY A 31 -32.95 -12.57 5.18
CA GLY A 31 -33.70 -12.68 6.41
C GLY A 31 -34.61 -11.50 6.64
N GLY A 32 -34.17 -10.30 6.28
CA GLY A 32 -35.02 -9.13 6.43
C GLY A 32 -36.27 -9.21 5.59
N LYS A 33 -36.13 -9.66 4.34
CA LYS A 33 -37.29 -9.80 3.46
C LYS A 33 -38.31 -10.77 4.04
N ILE A 34 -37.85 -11.90 4.56
CA ILE A 34 -38.78 -12.91 5.07
C ILE A 34 -39.56 -12.33 6.24
N LEU A 35 -38.90 -11.62 7.15
CA LEU A 35 -39.60 -11.05 8.29
C LEU A 35 -40.68 -10.07 7.85
N ALA A 36 -40.33 -9.14 6.97
CA ALA A 36 -41.30 -8.14 6.55
C ALA A 36 -42.46 -8.76 5.78
N ALA A 37 -42.18 -9.80 4.99
CA ALA A 37 -43.20 -10.42 4.16
C ALA A 37 -43.98 -11.49 4.91
N GLN A 38 -43.27 -12.49 5.43
CA GLN A 38 -43.89 -13.67 6.03
C GLN A 38 -43.99 -13.58 7.54
N GLY A 39 -44.06 -12.36 8.07
CA GLY A 39 -44.28 -12.15 9.49
C GLY A 39 -43.03 -12.32 10.31
N GLU A 40 -43.12 -11.90 11.57
CA GLU A 40 -41.99 -11.96 12.49
C GLU A 40 -41.65 -13.38 12.90
N GLU A 41 -42.63 -14.27 12.93
CA GLU A 41 -42.42 -15.62 13.46
C GLU A 41 -41.68 -16.52 12.48
N ALA A 42 -41.62 -16.16 11.20
CA ALA A 42 -41.00 -17.01 10.20
C ALA A 42 -39.55 -16.66 9.94
N VAL A 43 -39.04 -15.59 10.55
CA VAL A 43 -37.63 -15.25 10.36
C VAL A 43 -36.74 -16.06 11.29
N VAL A 44 -37.26 -16.46 12.46
CA VAL A 44 -36.45 -17.27 13.38
C VAL A 44 -36.14 -18.63 12.76
N ALA A 45 -37.14 -19.25 12.14
CA ALA A 45 -36.92 -20.58 11.58
C ALA A 45 -35.90 -20.57 10.44
N TYR A 46 -35.70 -19.42 9.79
CA TYR A 46 -34.67 -19.30 8.78
C TYR A 46 -33.30 -18.96 9.38
N LEU A 47 -33.28 -18.13 10.42
CA LEU A 47 -32.05 -17.65 11.02
C LEU A 47 -31.59 -18.47 12.22
N GLN A 48 -32.31 -19.52 12.59
CA GLN A 48 -31.89 -20.34 13.72
C GLN A 48 -30.78 -21.30 13.35
N GLY A 49 -30.84 -21.87 12.14
CA GLY A 49 -29.90 -22.92 11.77
C GLY A 49 -28.51 -22.44 11.41
N LYS A 50 -28.42 -21.49 10.48
CA LYS A 50 -27.17 -21.15 9.81
C LYS A 50 -26.62 -19.86 10.39
N SER A 51 -25.42 -19.94 10.95
CA SER A 51 -24.72 -18.76 11.46
C SER A 51 -23.28 -19.15 11.73
N GLU A 52 -22.44 -18.13 11.93
CA GLU A 52 -21.02 -18.34 12.13
C GLU A 52 -20.51 -17.40 13.22
N GLU A 53 -19.52 -17.87 13.98
CA GLU A 53 -18.87 -17.03 14.97
C GLU A 53 -18.18 -15.83 14.33
N GLU A 54 -17.42 -16.09 13.26
CA GLU A 54 -16.69 -15.06 12.53
C GLU A 54 -17.08 -15.15 11.07
N PRO A 55 -18.11 -14.44 10.64
CA PRO A 55 -18.62 -14.57 9.27
C PRO A 55 -17.76 -13.81 8.28
N PRO A 56 -17.36 -14.45 7.18
CA PRO A 56 -16.53 -13.75 6.18
C PRO A 56 -17.21 -12.48 5.69
N ASN A 57 -16.53 -11.34 5.89
CA ASN A 57 -17.04 -10.05 5.48
C ASN A 57 -16.06 -9.31 4.58
N PHE A 58 -15.26 -10.05 3.82
CA PHE A 58 -14.27 -9.44 2.93
C PHE A 58 -14.18 -10.24 1.64
N GLN A 59 -14.12 -9.53 0.51
CA GLN A 59 -14.10 -10.14 -0.81
C GLN A 59 -12.89 -9.62 -1.58
N PRO A 60 -11.96 -10.49 -2.00
CA PRO A 60 -10.80 -10.00 -2.73
C PRO A 60 -11.21 -9.44 -4.09
N PRO A 61 -10.44 -8.50 -4.63
CA PRO A 61 -10.72 -7.99 -5.98
C PRO A 61 -9.99 -8.75 -7.07
N ALA A 62 -10.59 -8.73 -8.25
CA ALA A 62 -9.98 -9.28 -9.46
C ALA A 62 -10.13 -8.28 -10.59
N LYS A 63 -9.04 -8.03 -11.32
CA LYS A 63 -8.99 -7.01 -12.34
C LYS A 63 -8.81 -7.63 -13.72
N CYS A 64 -9.59 -7.14 -14.68
CA CYS A 64 -9.54 -7.56 -16.08
C CYS A 64 -9.33 -6.33 -16.96
N HIS A 65 -9.32 -6.53 -18.27
CA HIS A 65 -9.02 -5.48 -19.23
C HIS A 65 -10.17 -5.28 -20.21
N VAL A 66 -10.58 -4.03 -20.38
CA VAL A 66 -11.55 -3.67 -21.41
C VAL A 66 -10.96 -3.91 -22.79
N VAL A 67 -11.75 -4.52 -23.68
CA VAL A 67 -11.30 -4.77 -25.05
C VAL A 67 -11.71 -3.62 -25.95
N THR A 68 -13.01 -3.35 -26.04
CA THR A 68 -13.51 -2.28 -26.89
C THR A 68 -14.82 -1.76 -26.33
N LYS A 69 -15.09 -0.48 -26.60
CA LYS A 69 -16.32 0.17 -26.17
C LYS A 69 -17.09 0.64 -27.41
N SER A 70 -18.33 1.05 -27.18
CA SER A 70 -19.09 1.69 -28.25
C SER A 70 -18.64 3.13 -28.45
N ARG A 71 -18.37 3.83 -27.36
CA ARG A 71 -17.82 5.18 -27.40
C ARG A 71 -17.13 5.43 -26.08
N ASP A 72 -16.38 6.53 -26.01
CA ASP A 72 -15.58 6.79 -24.83
C ASP A 72 -16.48 6.98 -23.62
N PHE A 73 -16.00 6.51 -22.47
CA PHE A 73 -16.70 6.81 -21.22
C PHE A 73 -16.74 8.31 -20.98
N ALA A 74 -17.72 8.74 -20.19
CA ALA A 74 -18.09 10.13 -19.96
C ALA A 74 -18.88 10.65 -21.15
N GLU A 75 -19.17 9.80 -22.13
CA GLU A 75 -20.10 10.10 -23.22
C GLU A 75 -21.36 9.28 -23.09
N TRP A 76 -21.52 8.57 -21.97
CA TRP A 76 -22.60 7.63 -21.64
C TRP A 76 -23.60 8.30 -20.72
N PRO A 77 -24.90 8.11 -20.94
CA PRO A 77 -25.89 8.80 -20.10
C PRO A 77 -25.72 8.54 -18.62
N ILE A 78 -25.34 7.31 -18.24
CA ILE A 78 -25.14 7.03 -16.82
C ILE A 78 -23.96 7.84 -16.28
N MET A 79 -22.88 7.95 -17.06
CA MET A 79 -21.71 8.67 -16.58
C MET A 79 -21.96 10.17 -16.51
N LYS A 80 -22.74 10.70 -17.45
CA LYS A 80 -23.08 12.12 -17.40
C LYS A 80 -24.12 12.39 -16.32
N ALA A 81 -25.07 11.48 -16.15
CA ALA A 81 -26.07 11.63 -15.10
C ALA A 81 -25.41 11.56 -13.73
N SER A 82 -24.46 10.65 -13.56
CA SER A 82 -23.77 10.54 -12.28
C SER A 82 -23.01 11.81 -11.95
N GLU A 83 -22.29 12.37 -12.94
CA GLU A 83 -21.57 13.61 -12.71
C GLU A 83 -22.52 14.76 -12.39
N ALA A 84 -23.62 14.85 -13.12
CA ALA A 84 -24.55 15.96 -12.91
C ALA A 84 -25.18 15.89 -11.53
N ILE A 85 -25.55 14.69 -11.09
CA ILE A 85 -26.09 14.51 -9.75
C ILE A 85 -25.03 14.84 -8.70
N GLN A 86 -23.81 14.35 -8.90
CA GLN A 86 -22.79 14.48 -7.86
C GLN A 86 -22.45 15.95 -7.60
N ARG A 87 -22.12 16.70 -8.64
CA ARG A 87 -21.70 18.07 -8.42
C ARG A 87 -22.85 18.97 -7.98
N TYR A 88 -24.09 18.48 -8.04
CA TYR A 88 -25.20 19.23 -7.44
C TYR A 88 -25.31 18.97 -5.95
N ILE A 89 -25.05 17.74 -5.53
CA ILE A 89 -25.20 17.39 -4.12
C ILE A 89 -24.05 17.94 -3.29
N TYR A 90 -22.87 18.07 -3.87
CA TYR A 90 -21.71 18.52 -3.11
C TYR A 90 -21.72 20.02 -2.88
N ALA A 91 -22.54 20.77 -3.61
CA ALA A 91 -22.65 22.21 -3.44
C ALA A 91 -23.89 22.62 -2.66
N LEU A 92 -24.59 21.66 -2.06
CA LEU A 92 -25.69 21.97 -1.17
C LEU A 92 -25.16 22.37 0.20
N SER A 93 -26.02 23.04 0.97
CA SER A 93 -25.68 23.40 2.34
C SER A 93 -26.02 22.23 3.25
N THR A 94 -25.91 22.43 4.57
CA THR A 94 -26.34 21.40 5.50
C THR A 94 -27.85 21.33 5.60
N THR A 95 -28.51 22.50 5.68
CA THR A 95 -29.96 22.52 5.82
C THR A 95 -30.66 22.04 4.56
N GLU A 96 -30.13 22.42 3.38
CA GLU A 96 -30.77 22.01 2.14
C GLU A 96 -30.71 20.51 1.94
N ARG A 97 -29.60 19.88 2.35
CA ARG A 97 -29.50 18.43 2.21
C ARG A 97 -30.56 17.73 3.07
N ALA A 98 -30.84 18.27 4.25
CA ALA A 98 -31.81 17.64 5.13
C ALA A 98 -33.19 17.55 4.49
N ALA A 99 -33.52 18.49 3.59
CA ALA A 99 -34.77 18.47 2.85
C ALA A 99 -34.55 18.03 1.40
N CYS A 100 -33.56 17.18 1.15
CA CYS A 100 -33.31 16.61 -0.17
C CYS A 100 -33.44 15.10 -0.05
N LYS A 101 -34.65 14.57 -0.26
CA LYS A 101 -34.85 13.13 -0.22
C LYS A 101 -35.11 12.59 -1.63
N PRO A 102 -34.11 12.00 -2.28
CA PRO A 102 -34.25 11.22 -3.53
C PRO A 102 -34.65 9.76 -3.28
N GLY A 103 -35.92 9.51 -3.04
CA GLY A 103 -36.32 8.20 -2.55
C GLY A 103 -36.05 7.13 -3.60
N LYS A 104 -36.19 5.88 -3.16
CA LYS A 104 -35.67 4.74 -3.89
C LYS A 104 -36.60 4.23 -5.00
N SER A 105 -37.71 4.89 -5.24
CA SER A 105 -38.68 4.43 -6.24
C SER A 105 -38.57 5.24 -7.52
N SER A 106 -39.17 4.70 -8.58
CA SER A 106 -39.15 5.39 -9.87
C SER A 106 -39.94 6.69 -9.80
N GLU A 107 -41.03 6.70 -9.05
CA GLU A 107 -41.84 7.91 -8.95
C GLU A 107 -41.08 9.02 -8.25
N SER A 108 -40.43 8.70 -7.13
CA SER A 108 -39.71 9.72 -6.38
C SER A 108 -38.45 10.19 -7.12
N HIS A 109 -37.82 9.30 -7.89
CA HIS A 109 -36.67 9.72 -8.69
C HIS A 109 -37.02 10.89 -9.59
N ALA A 110 -38.16 10.79 -10.30
CA ALA A 110 -38.55 11.86 -11.21
C ALA A 110 -39.00 13.10 -10.43
N ALA A 111 -39.65 12.90 -9.28
CA ALA A 111 -40.01 14.04 -8.45
C ALA A 111 -38.77 14.81 -8.03
N TRP A 112 -37.67 14.11 -7.76
CA TRP A 112 -36.42 14.77 -7.41
C TRP A 112 -35.81 15.46 -8.63
N PHE A 113 -35.71 14.75 -9.76
CA PHE A 113 -35.12 15.34 -10.95
C PHE A 113 -35.86 16.58 -11.41
N ALA A 114 -37.11 16.76 -11.02
CA ALA A 114 -37.89 17.92 -11.42
C ALA A 114 -37.86 19.04 -10.40
N ALA A 115 -37.87 18.70 -9.11
CA ALA A 115 -37.93 19.72 -8.07
C ALA A 115 -36.62 20.48 -7.92
N THR A 116 -35.51 19.93 -8.41
CA THR A 116 -34.21 20.57 -8.30
C THR A 116 -33.67 21.11 -9.61
N GLY A 117 -34.15 20.61 -10.75
CA GLY A 117 -33.71 21.08 -12.03
C GLY A 117 -32.53 20.34 -12.61
N VAL A 118 -31.89 19.48 -11.83
CA VAL A 118 -30.80 18.66 -12.35
C VAL A 118 -31.35 17.70 -13.40
N SER A 119 -30.59 17.50 -14.48
CA SER A 119 -31.03 16.65 -15.56
C SER A 119 -30.42 15.27 -15.45
N ASN A 120 -31.14 14.28 -15.95
CA ASN A 120 -30.60 12.97 -16.28
C ASN A 120 -30.56 12.86 -17.79
N HIS A 121 -29.38 12.66 -18.35
CA HIS A 121 -29.21 12.75 -19.80
C HIS A 121 -29.69 11.47 -20.49
N GLY A 122 -30.97 11.17 -20.29
CA GLY A 122 -31.59 10.04 -20.94
C GLY A 122 -31.45 8.72 -20.22
N TYR A 123 -31.12 8.74 -18.93
CA TYR A 123 -30.81 7.52 -18.18
C TYR A 123 -31.65 7.47 -16.92
N SER A 124 -32.47 6.43 -16.78
CA SER A 124 -33.22 6.20 -15.55
C SER A 124 -33.35 4.70 -15.34
N HIS A 125 -32.46 4.14 -14.53
CA HIS A 125 -32.63 2.81 -13.95
C HIS A 125 -32.71 2.98 -12.44
N VAL A 126 -33.80 2.51 -11.83
CA VAL A 126 -34.04 2.81 -10.43
C VAL A 126 -32.91 2.26 -9.56
N GLN A 127 -32.54 0.99 -9.79
CA GLN A 127 -31.45 0.41 -9.01
C GLN A 127 -30.14 1.11 -9.30
N GLY A 128 -29.83 1.34 -10.58
CA GLY A 128 -28.58 1.99 -10.93
C GLY A 128 -28.48 3.39 -10.38
N LEU A 129 -29.55 4.18 -10.54
CA LEU A 129 -29.58 5.49 -9.90
C LEU A 129 -29.47 5.38 -8.39
N ASN A 130 -30.17 4.41 -7.79
CA ASN A 130 -30.14 4.26 -6.34
C ASN A 130 -28.71 4.02 -5.86
N LEU A 131 -27.92 3.27 -6.63
CA LEU A 131 -26.53 3.04 -6.26
C LEU A 131 -25.77 4.36 -6.26
N ILE A 132 -25.88 5.12 -7.35
CA ILE A 132 -25.22 6.42 -7.43
C ILE A 132 -25.72 7.34 -6.32
N PHE A 133 -27.03 7.34 -6.07
CA PHE A 133 -27.60 8.32 -5.14
C PHE A 133 -27.09 8.11 -3.72
N ASP A 134 -27.06 6.85 -3.26
CA ASP A 134 -26.59 6.59 -1.90
C ASP A 134 -25.12 6.91 -1.76
N HIS A 135 -24.32 6.56 -2.77
CA HIS A 135 -22.88 6.80 -2.70
C HIS A 135 -22.57 8.29 -2.67
N THR A 136 -23.32 9.09 -3.44
CA THR A 136 -23.12 10.54 -3.39
C THR A 136 -23.59 11.11 -2.07
N LEU A 137 -24.80 10.72 -1.63
CA LEU A 137 -25.25 11.08 -0.30
C LEU A 137 -24.30 10.55 0.77
N GLY A 138 -23.66 9.41 0.51
CA GLY A 138 -22.73 8.86 1.48
C GLY A 138 -21.47 9.70 1.62
N ARG A 139 -20.90 10.11 0.48
CA ARG A 139 -19.69 10.92 0.52
C ARG A 139 -19.95 12.26 1.20
N TYR A 140 -21.09 12.88 0.92
CA TYR A 140 -21.39 14.18 1.51
C TYR A 140 -21.48 14.06 3.03
N ASP A 141 -22.17 13.03 3.53
CA ASP A 141 -22.25 12.84 4.97
C ASP A 141 -20.93 12.33 5.55
N GLY A 142 -20.08 11.69 4.74
CA GLY A 142 -18.83 11.16 5.27
C GLY A 142 -17.85 12.24 5.67
N VAL A 143 -17.76 13.31 4.88
CA VAL A 143 -16.85 14.40 5.23
C VAL A 143 -17.34 15.17 6.45
N LEU A 144 -18.59 14.98 6.84
CA LEU A 144 -19.16 15.64 8.01
C LEU A 144 -19.02 14.78 9.26
N LYS A 145 -19.20 13.47 9.10
CA LYS A 145 -18.89 12.53 10.18
C LYS A 145 -17.40 12.54 10.48
N LYS A 146 -16.56 12.64 9.45
CA LYS A 146 -15.12 12.51 9.65
C LYS A 146 -14.61 13.56 10.63
N VAL A 147 -15.04 14.81 10.47
CA VAL A 147 -14.62 15.84 11.42
C VAL A 147 -15.16 15.53 12.80
N GLN A 148 -16.41 15.06 12.87
CA GLN A 148 -17.03 14.81 14.17
C GLN A 148 -16.27 13.73 14.95
N LEU A 149 -15.88 12.65 14.27
CA LEU A 149 -15.07 11.64 14.94
C LEU A 149 -13.72 12.21 15.36
N ARG A 150 -13.09 12.98 14.48
CA ARG A 150 -11.84 13.64 14.85
C ARG A 150 -12.06 14.62 15.99
N ASN A 151 -13.16 15.37 15.93
CA ASN A 151 -13.52 16.24 17.04
C ASN A 151 -13.76 15.41 18.30
N GLU A 152 -14.45 14.29 18.18
CA GLU A 152 -14.64 13.40 19.33
C GLU A 152 -13.31 12.84 19.82
N LYS A 153 -12.42 12.47 18.91
CA LYS A 153 -11.17 11.85 19.31
C LYS A 153 -10.30 12.81 20.10
N ALA A 154 -10.20 14.07 19.64
CA ALA A 154 -9.48 15.08 20.41
C ALA A 154 -10.14 15.30 21.77
N ARG A 155 -11.47 15.35 21.79
CA ARG A 155 -12.18 15.53 23.05
C ARG A 155 -11.90 14.38 24.01
N ALA A 156 -11.91 13.15 23.49
CA ALA A 156 -11.55 12.00 24.31
C ALA A 156 -10.11 12.10 24.79
N ARG A 157 -9.19 12.52 23.91
CA ARG A 157 -7.80 12.69 24.31
C ARG A 157 -7.68 13.75 25.39
N LEU A 158 -8.38 14.88 25.22
CA LEU A 158 -8.39 15.90 26.26
C LEU A 158 -9.01 15.35 27.54
N GLU A 159 -10.05 14.54 27.41
CA GLU A 159 -10.74 14.04 28.59
C GLU A 159 -9.80 13.24 29.49
N SER A 160 -9.01 12.34 28.89
CA SER A 160 -8.04 11.59 29.69
C SER A 160 -7.00 12.50 30.31
N ILE A 161 -6.48 13.46 29.54
CA ILE A 161 -5.34 14.24 30.03
C ILE A 161 -5.72 15.07 31.25
N ASN A 162 -6.94 15.61 31.28
CA ASN A 162 -7.32 16.45 32.40
C ASN A 162 -7.38 15.65 33.70
N ALA A 163 -8.12 14.54 33.69
CA ALA A 163 -8.30 13.77 34.91
C ALA A 163 -6.97 13.25 35.44
N SER A 164 -6.17 12.63 34.57
CA SER A 164 -4.86 12.14 35.00
C SER A 164 -3.96 13.29 35.44
N ARG A 165 -3.87 14.34 34.63
CA ARG A 165 -2.99 15.46 34.97
C ARG A 165 -3.47 16.17 36.23
N ALA A 166 -4.78 16.36 36.37
CA ALA A 166 -5.31 17.19 37.44
C ALA A 166 -5.00 16.64 38.83
N ASP A 167 -4.55 15.39 38.94
CA ASP A 167 -4.19 14.83 40.22
C ASP A 167 -2.69 14.89 40.52
N GLU A 168 -1.85 14.96 39.49
CA GLU A 168 -0.41 15.06 39.73
C GLU A 168 0.07 16.51 39.74
N GLY A 169 -0.52 17.37 38.90
CA GLY A 169 -0.23 18.79 38.94
C GLY A 169 -1.49 19.62 38.80
N LEU A 170 -1.32 20.93 38.86
CA LEU A 170 -2.41 21.87 38.60
C LEU A 170 -2.70 22.02 37.10
N PRO A 171 -1.69 22.20 36.24
CA PRO A 171 -1.99 22.64 34.87
C PRO A 171 -2.89 21.64 34.14
N GLU A 172 -3.94 22.17 33.52
CA GLU A 172 -4.84 21.36 32.71
C GLU A 172 -5.62 22.28 31.78
N ILE A 173 -5.52 22.06 30.48
CA ILE A 173 -6.28 22.86 29.53
C ILE A 173 -7.76 22.57 29.75
N LYS A 174 -8.56 23.64 29.86
CA LYS A 174 -9.99 23.46 30.11
C LYS A 174 -10.69 22.82 28.93
N ALA A 175 -10.48 23.36 27.74
CA ALA A 175 -11.22 22.93 26.55
C ALA A 175 -10.52 23.52 25.33
N GLU A 176 -11.11 23.31 24.16
CA GLU A 176 -10.51 23.74 22.90
C GLU A 176 -11.63 24.04 21.91
N GLU A 177 -11.29 24.77 20.85
CA GLU A 177 -12.31 25.23 19.92
C GLU A 177 -12.84 24.08 19.07
N GLU A 178 -14.15 24.01 18.93
CA GLU A 178 -14.77 23.04 18.03
C GLU A 178 -14.33 23.27 16.59
N GLU A 179 -13.99 22.18 15.90
CA GLU A 179 -13.65 22.23 14.48
C GLU A 179 -14.89 21.92 13.66
N VAL A 180 -15.34 22.89 12.86
CA VAL A 180 -16.55 22.74 12.07
C VAL A 180 -16.22 22.17 10.70
N ALA A 181 -17.23 21.59 10.06
CA ALA A 181 -17.14 21.12 8.68
C ALA A 181 -17.89 22.03 7.71
N THR A 182 -18.36 23.19 8.16
CA THR A 182 -19.24 24.03 7.38
C THR A 182 -18.65 25.42 7.19
N ASN A 183 -19.20 26.13 6.21
CA ASN A 183 -18.90 27.54 6.00
C ASN A 183 -19.88 28.40 6.78
N GLU A 184 -19.62 29.71 6.80
CA GLU A 184 -20.56 30.62 7.47
C GLU A 184 -21.94 30.58 6.81
N THR A 185 -22.00 30.33 5.51
CA THR A 185 -23.26 30.32 4.78
C THR A 185 -23.93 28.96 4.77
N GLY A 186 -23.38 27.97 5.47
CA GLY A 186 -23.93 26.63 5.49
C GLY A 186 -23.28 25.67 4.52
N HIS A 187 -22.47 26.16 3.58
CA HIS A 187 -21.94 25.32 2.53
C HIS A 187 -20.83 24.42 3.09
N LEU A 188 -20.23 23.64 2.20
CA LEU A 188 -19.25 22.62 2.54
C LEU A 188 -17.87 23.09 2.07
N LEU A 189 -16.99 23.37 3.02
CA LEU A 189 -15.61 23.71 2.70
C LEU A 189 -14.81 22.41 2.55
N GLN A 190 -13.87 22.43 1.59
CA GLN A 190 -13.22 21.22 1.10
C GLN A 190 -14.25 20.12 0.92
N PRO A 191 -15.17 20.27 -0.02
CA PRO A 191 -16.14 19.20 -0.30
C PRO A 191 -15.53 18.14 -1.21
N PRO A 192 -16.10 16.94 -1.21
CA PRO A 192 -15.48 15.85 -1.98
C PRO A 192 -15.54 16.10 -3.48
N GLY A 193 -14.55 15.54 -4.17
CA GLY A 193 -14.58 15.53 -5.62
C GLY A 193 -15.38 14.37 -6.16
N ILE A 194 -15.85 14.52 -7.40
CA ILE A 194 -16.65 13.46 -8.01
C ILE A 194 -15.77 12.23 -8.20
N ASN A 195 -16.42 11.06 -8.27
CA ASN A 195 -15.70 9.84 -8.53
C ASN A 195 -16.07 9.33 -9.91
N PRO A 196 -15.09 9.06 -10.79
CA PRO A 196 -15.39 8.53 -12.13
C PRO A 196 -15.46 7.01 -12.15
N SER A 197 -16.41 6.44 -11.42
CA SER A 197 -16.56 4.99 -11.35
C SER A 197 -17.90 4.59 -11.93
N PHE A 198 -17.87 3.73 -12.95
CA PHE A 198 -19.06 3.11 -13.50
C PHE A 198 -19.41 1.90 -12.64
N TYR A 199 -20.31 2.11 -11.68
CA TYR A 199 -20.73 1.05 -10.77
C TYR A 199 -21.82 0.21 -11.42
N VAL A 200 -21.43 -0.95 -11.96
CA VAL A 200 -22.38 -1.83 -12.62
C VAL A 200 -23.29 -2.48 -11.58
N TYR A 201 -24.51 -2.81 -12.00
CA TYR A 201 -25.56 -3.28 -11.11
C TYR A 201 -26.25 -4.47 -11.77
N GLN A 202 -27.36 -4.91 -11.18
CA GLN A 202 -27.89 -6.24 -11.50
C GLN A 202 -28.49 -6.28 -12.89
N THR A 203 -29.31 -5.29 -13.24
CA THR A 203 -29.95 -5.27 -14.55
C THR A 203 -28.96 -5.03 -15.68
N ILE A 204 -27.68 -4.85 -15.36
CA ILE A 204 -26.65 -4.56 -16.34
C ILE A 204 -25.48 -5.52 -16.25
N SER A 205 -25.55 -6.52 -15.37
CA SER A 205 -24.36 -7.26 -14.97
C SER A 205 -23.71 -7.96 -16.17
N PRO A 206 -22.39 -8.15 -16.12
CA PRO A 206 -21.71 -8.81 -17.24
C PRO A 206 -22.21 -10.22 -17.49
N GLN A 207 -22.24 -10.60 -18.76
CA GLN A 207 -22.65 -11.94 -19.16
C GLN A 207 -21.91 -12.29 -20.44
N ALA A 208 -21.79 -13.60 -20.69
CA ALA A 208 -20.88 -14.09 -21.72
C ALA A 208 -21.22 -13.49 -23.08
N TYR A 209 -20.18 -13.08 -23.80
CA TYR A 209 -20.38 -12.46 -25.10
C TYR A 209 -21.05 -13.43 -26.06
N ARG A 210 -22.15 -12.97 -26.67
CA ARG A 210 -22.72 -13.61 -27.84
C ARG A 210 -22.86 -12.59 -28.96
N PRO A 211 -22.63 -12.98 -30.22
CA PRO A 211 -22.47 -11.97 -31.27
C PRO A 211 -23.75 -11.25 -31.64
N ARG A 212 -23.82 -9.95 -31.30
CA ARG A 212 -24.88 -9.07 -31.74
C ARG A 212 -24.32 -8.05 -32.72
N ASP A 213 -25.16 -7.61 -33.66
CA ASP A 213 -24.66 -6.82 -34.78
C ASP A 213 -24.22 -5.43 -34.36
N GLU A 214 -24.87 -4.85 -33.35
CA GLU A 214 -24.45 -3.53 -32.88
C GLU A 214 -23.03 -3.57 -32.34
N ILE A 215 -22.67 -4.66 -31.66
CA ILE A 215 -21.33 -4.82 -31.10
C ILE A 215 -20.41 -5.31 -32.21
N VAL A 216 -19.43 -4.50 -32.56
CA VAL A 216 -18.46 -4.83 -33.61
C VAL A 216 -17.07 -4.80 -32.97
N LEU A 217 -16.33 -5.88 -33.15
CA LEU A 217 -15.05 -6.09 -32.51
C LEU A 217 -13.91 -5.74 -33.45
N PRO A 218 -12.72 -5.47 -32.91
CA PRO A 218 -11.58 -5.14 -33.78
C PRO A 218 -11.31 -6.25 -34.78
N PRO A 219 -10.58 -5.96 -35.86
CA PRO A 219 -10.40 -6.96 -36.92
C PRO A 219 -9.72 -8.24 -36.44
N GLU A 220 -9.02 -8.20 -35.31
CA GLU A 220 -8.36 -9.42 -34.83
C GLU A 220 -9.38 -10.41 -34.27
N TYR A 221 -10.42 -9.92 -33.60
CA TYR A 221 -11.51 -10.78 -33.14
C TYR A 221 -12.50 -11.04 -34.28
N ALA A 222 -11.98 -11.62 -35.37
CA ALA A 222 -12.79 -11.73 -36.58
C ALA A 222 -13.91 -12.74 -36.40
N GLY A 223 -13.55 -14.00 -36.14
CA GLY A 223 -14.50 -14.95 -35.61
C GLY A 223 -14.28 -15.23 -34.14
N TYR A 224 -15.13 -14.71 -33.26
CA TYR A 224 -15.11 -15.11 -31.86
C TYR A 224 -16.33 -15.97 -31.59
N VAL A 225 -16.10 -17.26 -31.39
CA VAL A 225 -17.12 -18.17 -30.87
C VAL A 225 -16.60 -18.76 -29.56
N ARG A 226 -17.47 -18.81 -28.55
CA ARG A 226 -17.13 -19.51 -27.32
C ARG A 226 -18.43 -19.95 -26.65
N ASP A 227 -18.70 -21.23 -26.65
CA ASP A 227 -19.92 -21.73 -26.03
C ASP A 227 -19.84 -21.46 -24.53
N PRO A 228 -20.65 -20.55 -23.98
CA PRO A 228 -20.44 -20.15 -22.58
C PRO A 228 -20.58 -21.28 -21.58
N ASN A 229 -21.23 -22.38 -21.93
CA ASN A 229 -21.41 -23.50 -21.01
C ASN A 229 -20.44 -24.65 -21.27
N ALA A 230 -19.53 -24.50 -22.21
CA ALA A 230 -18.50 -25.51 -22.44
C ALA A 230 -17.37 -25.35 -21.44
N PRO A 231 -16.56 -26.39 -21.23
CA PRO A 231 -15.40 -26.26 -20.34
C PRO A 231 -14.23 -25.63 -21.08
N ILE A 232 -13.72 -24.52 -20.56
CA ILE A 232 -12.67 -23.79 -21.27
C ILE A 232 -11.39 -24.63 -21.27
N PRO A 233 -10.79 -24.91 -22.41
CA PRO A 233 -9.62 -25.78 -22.44
C PRO A 233 -8.42 -25.11 -21.80
N LEU A 234 -7.41 -25.92 -21.50
CA LEU A 234 -6.14 -25.41 -20.98
C LEU A 234 -5.27 -24.95 -22.14
N GLY A 235 -4.60 -23.81 -21.94
CA GLY A 235 -3.82 -23.23 -23.01
C GLY A 235 -2.58 -24.03 -23.37
N VAL A 236 -1.63 -24.12 -22.44
CA VAL A 236 -0.35 -24.73 -22.73
C VAL A 236 -0.47 -26.24 -22.80
N VAL A 237 0.39 -26.86 -23.60
CA VAL A 237 0.54 -28.31 -23.57
C VAL A 237 1.19 -28.73 -22.25
N ARG A 238 1.08 -30.03 -21.94
CA ARG A 238 1.54 -30.51 -20.64
C ARG A 238 3.05 -30.62 -20.58
N ASN A 239 3.69 -31.03 -21.69
CA ASN A 239 5.15 -31.02 -21.79
C ASN A 239 5.52 -30.05 -22.91
N ARG A 240 6.13 -28.92 -22.53
CA ARG A 240 6.48 -27.88 -23.47
C ARG A 240 7.71 -28.19 -24.31
N CYS A 241 8.27 -29.39 -24.18
CA CYS A 241 9.42 -29.80 -24.98
C CYS A 241 8.99 -30.50 -26.27
N ASP A 242 7.70 -30.55 -26.56
CA ASP A 242 7.23 -31.09 -27.82
C ASP A 242 7.06 -30.01 -28.88
N ILE A 243 6.75 -28.77 -28.46
CA ILE A 243 6.63 -27.66 -29.39
C ILE A 243 7.83 -27.67 -30.34
N GLN A 244 7.54 -27.57 -31.63
CA GLN A 244 8.56 -27.71 -32.66
C GLN A 244 9.30 -26.39 -32.86
N LYS A 245 10.14 -26.33 -33.90
CA LYS A 245 10.91 -25.12 -34.17
C LYS A 245 10.01 -23.94 -34.48
N GLY A 246 9.09 -24.11 -35.44
CA GLY A 246 8.30 -22.98 -35.90
C GLY A 246 7.31 -22.47 -34.88
N CYS A 247 6.58 -23.38 -34.23
CA CYS A 247 5.44 -22.99 -33.43
C CYS A 247 5.87 -22.09 -32.27
N PRO A 248 5.00 -21.18 -31.85
CA PRO A 248 5.34 -20.31 -30.71
C PRO A 248 5.40 -21.08 -29.42
N GLY A 249 6.17 -20.54 -28.47
CA GLY A 249 6.36 -21.22 -27.20
C GLY A 249 7.43 -22.28 -27.22
N TYR A 250 8.38 -22.21 -28.14
CA TYR A 250 9.38 -23.26 -28.31
C TYR A 250 10.55 -22.97 -27.37
N ILE A 251 10.75 -23.85 -26.40
CA ILE A 251 11.88 -23.79 -25.47
C ILE A 251 13.08 -24.43 -26.15
N PRO A 252 14.14 -23.68 -26.44
CA PRO A 252 15.28 -24.26 -27.16
C PRO A 252 16.01 -25.28 -26.31
N GLU A 253 16.80 -26.13 -27.00
CA GLU A 253 17.43 -27.26 -26.33
C GLU A 253 18.28 -26.79 -25.16
N TRP A 254 19.11 -25.76 -25.38
CA TRP A 254 20.05 -25.34 -24.34
C TRP A 254 19.35 -24.83 -23.08
N GLN A 255 18.05 -24.54 -23.15
CA GLN A 255 17.35 -23.92 -22.04
C GLN A 255 16.48 -24.89 -21.26
N ARG A 256 16.32 -26.12 -21.73
CA ARG A 256 15.57 -27.12 -20.97
C ARG A 256 16.40 -27.68 -19.82
N GLU A 257 17.57 -28.22 -20.14
CA GLU A 257 18.43 -28.83 -19.12
C GLU A 257 19.03 -27.76 -18.23
N ALA A 258 19.08 -28.04 -16.93
CA ALA A 258 19.80 -27.17 -16.01
C ALA A 258 21.31 -27.31 -16.21
N GLY A 259 22.05 -26.29 -15.81
CA GLY A 259 23.47 -26.26 -16.02
C GLY A 259 23.93 -24.88 -16.39
N THR A 260 25.17 -24.79 -16.88
CA THR A 260 25.78 -23.52 -17.27
C THR A 260 26.47 -23.71 -18.61
N ALA A 261 26.44 -22.67 -19.43
CA ALA A 261 27.03 -22.70 -20.76
C ALA A 261 27.34 -21.29 -21.19
N ILE A 262 27.91 -21.17 -22.39
CA ILE A 262 28.34 -19.89 -22.96
C ILE A 262 27.57 -19.65 -24.24
N SER A 263 27.04 -18.44 -24.41
CA SER A 263 26.30 -18.12 -25.62
C SER A 263 27.28 -17.99 -26.79
N PRO A 264 26.82 -18.25 -28.01
CA PRO A 264 27.77 -18.34 -29.13
C PRO A 264 28.29 -17.00 -29.63
N LYS A 265 27.53 -15.92 -29.48
CA LYS A 265 27.97 -14.66 -30.05
C LYS A 265 29.06 -13.99 -29.21
N THR A 266 28.77 -13.75 -27.92
CA THR A 266 29.77 -13.14 -27.03
C THR A 266 30.47 -14.18 -26.16
N GLY A 267 29.70 -14.95 -25.41
CA GLY A 267 30.22 -15.98 -24.53
C GLY A 267 30.17 -15.52 -23.10
N LYS A 268 29.19 -15.99 -22.34
CA LYS A 268 29.12 -15.72 -20.90
C LYS A 268 28.58 -16.95 -20.19
N ALA A 269 29.16 -17.27 -19.04
CA ALA A 269 28.68 -18.40 -18.24
C ALA A 269 27.42 -17.97 -17.52
N VAL A 270 26.29 -18.56 -17.90
CA VAL A 270 24.98 -18.21 -17.35
C VAL A 270 24.34 -19.48 -16.82
N THR A 271 24.03 -19.49 -15.52
CA THR A 271 23.27 -20.61 -14.97
C THR A 271 21.84 -20.57 -15.51
N VAL A 272 21.35 -21.72 -15.96
CA VAL A 272 19.98 -21.87 -16.42
C VAL A 272 19.30 -22.90 -15.53
N PRO A 273 18.28 -22.53 -14.74
CA PRO A 273 17.69 -23.50 -13.81
C PRO A 273 16.93 -24.62 -14.49
N GLY A 274 16.57 -24.47 -15.75
CA GLY A 274 15.78 -25.48 -16.43
C GLY A 274 14.30 -25.32 -16.13
N LEU A 275 13.50 -26.20 -16.72
CA LEU A 275 12.07 -26.17 -16.48
C LEU A 275 11.79 -26.31 -14.99
N SER A 276 10.86 -25.51 -14.49
CA SER A 276 10.60 -25.49 -13.06
C SER A 276 9.90 -26.79 -12.64
N PRO A 277 10.42 -27.51 -11.65
CA PRO A 277 9.69 -28.67 -11.11
C PRO A 277 8.67 -28.25 -10.05
N LYS A 278 7.67 -27.48 -10.47
CA LYS A 278 6.65 -26.98 -9.58
C LYS A 278 5.29 -27.43 -10.08
N LYS A 279 4.33 -27.51 -9.15
CA LYS A 279 3.00 -28.02 -9.44
C LYS A 279 1.92 -26.96 -9.44
N ASN A 280 2.19 -25.78 -8.90
CA ASN A 280 1.25 -24.66 -8.94
C ASN A 280 1.86 -23.47 -9.68
N LYS A 281 2.76 -23.75 -10.62
CA LYS A 281 3.33 -22.71 -11.46
C LYS A 281 2.28 -22.15 -12.42
N ARG A 282 2.22 -20.83 -12.52
CA ARG A 282 1.40 -20.20 -13.54
C ARG A 282 2.00 -20.46 -14.92
N MET A 283 1.14 -20.80 -15.87
CA MET A 283 1.56 -21.16 -17.22
C MET A 283 1.46 -19.96 -18.13
N ARG A 284 2.53 -19.70 -18.88
CA ARG A 284 2.60 -18.58 -19.81
C ARG A 284 2.36 -19.08 -21.23
N ARG A 285 1.39 -18.50 -21.92
CA ARG A 285 1.01 -18.93 -23.25
C ARG A 285 1.49 -17.91 -24.28
N TYR A 286 1.86 -18.43 -25.46
CA TYR A 286 2.47 -17.66 -26.53
C TYR A 286 1.78 -17.98 -27.84
N TRP A 287 1.26 -16.95 -28.52
CA TRP A 287 0.60 -17.12 -29.79
C TRP A 287 1.49 -16.59 -30.92
N ARG A 288 1.26 -17.12 -32.12
CA ARG A 288 2.07 -16.71 -33.26
C ARG A 288 1.83 -15.25 -33.61
N SER A 289 0.58 -14.79 -33.51
CA SER A 289 0.23 -13.44 -33.88
C SER A 289 -0.82 -12.91 -32.91
N GLU A 290 -1.13 -11.62 -33.05
CA GLU A 290 -2.11 -10.98 -32.19
C GLU A 290 -3.54 -11.37 -32.54
N LYS A 291 -3.75 -12.03 -33.68
CA LYS A 291 -5.08 -12.49 -34.03
C LYS A 291 -5.43 -13.79 -33.33
N GLU A 292 -4.44 -14.67 -33.17
CA GLU A 292 -4.66 -15.90 -32.42
C GLU A 292 -4.89 -15.61 -30.95
N LYS A 293 -4.14 -14.65 -30.40
CA LYS A 293 -4.31 -14.30 -28.99
C LYS A 293 -5.73 -13.84 -28.69
N ALA A 294 -6.33 -13.10 -29.62
CA ALA A 294 -7.67 -12.58 -29.38
C ALA A 294 -8.71 -13.70 -29.38
N GLN A 295 -8.58 -14.66 -30.30
CA GLN A 295 -9.58 -15.72 -30.39
C GLN A 295 -9.57 -16.63 -29.17
N ASP A 296 -8.53 -16.60 -28.35
CA ASP A 296 -8.47 -17.38 -27.12
C ASP A 296 -8.69 -16.51 -25.88
N ALA A 297 -9.53 -15.50 -25.98
CA ALA A 297 -9.85 -14.65 -24.85
C ALA A 297 -11.18 -15.08 -24.24
N LEU A 298 -11.56 -14.41 -23.15
CA LEU A 298 -12.83 -14.65 -22.46
C LEU A 298 -13.59 -13.33 -22.47
N LEU A 299 -14.42 -13.13 -23.48
CA LEU A 299 -15.15 -11.88 -23.64
C LEU A 299 -16.53 -11.98 -23.02
N VAL A 300 -16.88 -10.99 -22.20
CA VAL A 300 -18.24 -10.80 -21.72
C VAL A 300 -18.60 -9.35 -21.97
N THR A 301 -19.90 -9.09 -22.15
CA THR A 301 -20.37 -7.76 -22.48
C THR A 301 -21.17 -7.17 -21.33
N VAL A 302 -21.27 -5.84 -21.35
CA VAL A 302 -22.13 -5.09 -20.44
C VAL A 302 -22.86 -4.07 -21.29
N ARG A 303 -24.18 -4.21 -21.38
CA ARG A 303 -25.02 -3.31 -22.18
C ARG A 303 -25.93 -2.53 -21.26
N ILE A 304 -25.99 -1.22 -21.46
CA ILE A 304 -26.81 -0.33 -20.64
C ILE A 304 -27.81 0.47 -21.46
N GLY A 305 -27.79 0.34 -22.78
CA GLY A 305 -28.59 1.20 -23.63
C GLY A 305 -28.18 1.03 -25.07
N THR A 306 -27.99 2.15 -25.77
CA THR A 306 -27.41 2.14 -27.09
C THR A 306 -25.88 2.09 -27.07
N ASP A 307 -25.27 1.95 -25.91
CA ASP A 307 -23.82 1.92 -25.78
C ASP A 307 -23.42 0.76 -24.89
N TRP A 308 -22.52 -0.08 -25.41
CA TRP A 308 -22.09 -1.32 -24.78
C TRP A 308 -20.63 -1.20 -24.33
N VAL A 309 -20.11 -2.30 -23.80
CA VAL A 309 -18.67 -2.42 -23.54
C VAL A 309 -18.33 -3.90 -23.44
N VAL A 310 -17.20 -4.27 -24.03
CA VAL A 310 -16.70 -5.64 -24.03
C VAL A 310 -15.45 -5.70 -23.16
N ILE A 311 -15.38 -6.69 -22.29
CA ILE A 311 -14.26 -6.86 -21.37
C ILE A 311 -13.71 -8.28 -21.50
N ASP A 312 -12.42 -8.42 -21.28
CA ASP A 312 -11.72 -9.69 -21.42
C ASP A 312 -11.48 -10.29 -20.03
N VAL A 313 -11.92 -11.52 -19.84
CA VAL A 313 -12.03 -12.10 -18.52
C VAL A 313 -10.91 -13.10 -18.24
N ARG A 314 -9.89 -13.14 -19.10
CA ARG A 314 -8.69 -13.89 -18.77
C ARG A 314 -8.10 -13.44 -17.45
N GLY A 315 -8.30 -12.18 -17.07
CA GLY A 315 -7.81 -11.70 -15.80
C GLY A 315 -8.44 -12.40 -14.62
N LEU A 316 -9.76 -12.63 -14.68
CA LEU A 316 -10.43 -13.32 -13.60
C LEU A 316 -10.05 -14.80 -13.57
N LEU A 317 -9.80 -15.39 -14.73
CA LEU A 317 -9.41 -16.80 -14.78
C LEU A 317 -8.09 -17.02 -14.07
N ARG A 318 -7.11 -16.15 -14.31
CA ARG A 318 -5.82 -16.28 -13.64
C ARG A 318 -5.98 -16.12 -12.13
N ASN A 319 -6.74 -15.11 -11.72
CA ASN A 319 -6.92 -14.86 -10.30
C ASN A 319 -7.70 -15.99 -9.63
N ALA A 320 -8.49 -16.74 -10.37
CA ALA A 320 -9.20 -17.89 -9.81
C ALA A 320 -8.39 -19.17 -9.87
N ARG A 321 -7.56 -19.34 -10.90
CA ARG A 321 -6.70 -20.51 -10.95
C ARG A 321 -5.52 -20.40 -9.99
N TRP A 322 -5.23 -19.20 -9.49
CA TRP A 322 -4.17 -19.05 -8.51
C TRP A 322 -4.63 -19.43 -7.11
N ARG A 323 -5.83 -19.03 -6.74
CA ARG A 323 -6.41 -19.44 -5.46
C ARG A 323 -6.98 -20.86 -5.50
N THR A 324 -6.92 -21.51 -6.66
CA THR A 324 -7.34 -22.91 -6.82
C THR A 324 -8.80 -23.11 -6.41
N ILE A 325 -9.62 -22.07 -6.56
CA ILE A 325 -11.05 -22.18 -6.33
C ILE A 325 -11.82 -22.43 -7.62
N ALA A 326 -11.11 -22.73 -8.71
CA ALA A 326 -11.74 -22.96 -10.01
C ALA A 326 -11.29 -24.32 -10.52
N PRO A 327 -12.20 -25.26 -10.80
CA PRO A 327 -11.78 -26.56 -11.32
C PRO A 327 -10.97 -26.41 -12.61
N LYS A 328 -10.31 -27.50 -12.97
CA LYS A 328 -9.50 -27.50 -14.19
C LYS A 328 -10.37 -27.46 -15.43
N ASP A 329 -11.56 -28.04 -15.37
CA ASP A 329 -12.58 -27.81 -16.39
C ASP A 329 -13.64 -26.91 -15.79
N ILE A 330 -13.99 -25.85 -16.51
CA ILE A 330 -14.90 -24.82 -16.00
C ILE A 330 -15.47 -24.09 -17.20
N SER A 331 -16.70 -23.63 -17.09
CA SER A 331 -17.33 -22.89 -18.16
C SER A 331 -17.20 -21.39 -17.91
N LEU A 332 -17.50 -20.62 -18.94
CA LEU A 332 -17.44 -19.16 -18.81
C LEU A 332 -18.47 -18.67 -17.80
N ASN A 333 -19.67 -19.24 -17.82
CA ASN A 333 -20.69 -18.83 -16.87
C ASN A 333 -20.32 -19.22 -15.45
N ALA A 334 -19.66 -20.37 -15.27
CA ALA A 334 -19.24 -20.75 -13.93
C ALA A 334 -18.20 -19.77 -13.39
N LEU A 335 -17.28 -19.34 -14.24
CA LEU A 335 -16.30 -18.34 -13.83
C LEU A 335 -16.99 -17.07 -13.38
N LEU A 336 -17.97 -16.59 -14.15
CA LEU A 336 -18.66 -15.36 -13.77
C LEU A 336 -19.43 -15.53 -12.47
N ASP A 337 -19.95 -16.72 -12.20
CA ASP A 337 -20.67 -16.95 -10.95
C ASP A 337 -19.74 -17.01 -9.76
N LEU A 338 -18.44 -17.16 -9.98
CA LEU A 338 -17.47 -17.10 -8.89
C LEU A 338 -17.32 -15.69 -8.36
N PHE A 339 -17.79 -14.69 -9.09
CA PHE A 339 -17.64 -13.29 -8.71
C PHE A 339 -19.02 -12.64 -8.62
N THR A 340 -19.03 -11.47 -7.97
CA THR A 340 -20.23 -10.67 -7.88
C THR A 340 -20.62 -10.11 -9.25
N GLY A 341 -21.90 -9.83 -9.42
CA GLY A 341 -22.37 -9.30 -10.68
C GLY A 341 -22.33 -7.79 -10.79
N ASP A 342 -21.58 -7.15 -9.90
CA ASP A 342 -21.45 -5.69 -9.88
C ASP A 342 -19.99 -5.28 -9.94
N PRO A 343 -19.37 -5.36 -11.12
CA PRO A 343 -18.01 -4.85 -11.27
C PRO A 343 -17.94 -3.34 -11.03
N VAL A 344 -16.72 -2.84 -10.96
CA VAL A 344 -16.44 -1.41 -10.89
C VAL A 344 -15.48 -1.09 -12.03
N ILE A 345 -16.02 -0.58 -13.14
CA ILE A 345 -15.18 -0.22 -14.28
C ILE A 345 -14.37 1.02 -13.95
N ASP A 346 -13.07 0.96 -14.26
CA ASP A 346 -12.19 2.11 -14.12
C ASP A 346 -12.08 2.75 -15.51
N VAL A 347 -12.65 3.95 -15.64
CA VAL A 347 -12.84 4.54 -16.96
C VAL A 347 -11.57 5.19 -17.48
N ARG A 348 -10.72 5.71 -16.60
CA ARG A 348 -9.49 6.36 -17.01
C ARG A 348 -8.34 5.38 -17.22
N ARG A 349 -8.56 4.09 -16.99
CA ARG A 349 -7.56 3.08 -17.27
C ARG A 349 -8.09 1.88 -18.05
N ASN A 350 -9.39 1.83 -18.33
CA ASN A 350 -9.98 0.72 -19.07
C ASN A 350 -9.75 -0.60 -18.35
N ILE A 351 -10.02 -0.61 -17.05
CA ILE A 351 -9.84 -1.78 -16.21
C ILE A 351 -11.10 -1.99 -15.40
N VAL A 352 -11.58 -3.22 -15.36
CA VAL A 352 -12.79 -3.59 -14.64
C VAL A 352 -12.40 -4.46 -13.45
N THR A 353 -12.87 -4.09 -12.27
CA THR A 353 -12.50 -4.74 -11.02
C THR A 353 -13.67 -5.55 -10.50
N PHE A 354 -13.63 -6.86 -10.75
CA PHE A 354 -14.59 -7.77 -10.14
C PHE A 354 -14.17 -8.05 -8.70
N THR A 355 -15.09 -8.64 -7.93
CA THR A 355 -14.78 -9.22 -6.64
C THR A 355 -15.44 -10.58 -6.54
N TYR A 356 -14.91 -11.41 -5.65
CA TYR A 356 -15.47 -12.73 -5.42
C TYR A 356 -16.75 -12.64 -4.60
N THR A 357 -17.64 -13.59 -4.82
CA THR A 357 -18.77 -13.78 -3.91
C THR A 357 -18.28 -14.36 -2.59
N LEU A 358 -19.02 -14.08 -1.52
CA LEU A 358 -18.67 -14.67 -0.24
C LEU A 358 -18.68 -16.18 -0.29
N ASP A 359 -19.45 -16.77 -1.21
CA ASP A 359 -19.49 -18.22 -1.32
C ASP A 359 -18.25 -18.76 -2.03
N ALA A 360 -17.89 -18.16 -3.16
CA ALA A 360 -16.74 -18.66 -3.92
C ALA A 360 -15.45 -18.49 -3.14
N CYS A 361 -15.21 -17.28 -2.65
CA CYS A 361 -14.09 -17.00 -1.78
C CYS A 361 -14.60 -16.08 -0.66
N GLY A 362 -13.69 -15.55 0.14
CA GLY A 362 -14.09 -14.57 1.15
C GLY A 362 -13.68 -15.05 2.53
N THR A 363 -13.07 -14.13 3.28
CA THR A 363 -12.55 -14.43 4.60
C THR A 363 -12.98 -13.33 5.56
N TYR A 364 -12.92 -13.65 6.85
CA TYR A 364 -13.10 -12.63 7.86
C TYR A 364 -11.92 -11.66 7.80
N ALA A 365 -12.20 -10.38 8.09
CA ALA A 365 -11.16 -9.36 8.17
C ALA A 365 -11.28 -8.66 9.51
N ARG A 366 -10.36 -8.93 10.42
CA ARG A 366 -10.34 -8.25 11.70
C ARG A 366 -10.10 -6.76 11.50
N LYS A 367 -10.98 -5.94 12.06
CA LYS A 367 -10.90 -4.50 11.80
C LYS A 367 -9.63 -3.90 12.38
N TRP A 368 -9.22 -4.32 13.57
CA TRP A 368 -8.09 -3.73 14.26
C TRP A 368 -7.11 -4.81 14.71
N THR A 369 -5.84 -4.43 14.78
CA THR A 369 -4.83 -5.24 15.44
C THR A 369 -4.98 -5.10 16.94
N LEU A 370 -4.84 -6.22 17.66
CA LEU A 370 -5.05 -6.19 19.10
C LEU A 370 -3.79 -5.68 19.78
N LYS A 371 -3.98 -4.89 20.84
CA LYS A 371 -2.89 -4.24 21.53
C LYS A 371 -3.10 -4.35 23.03
N GLY A 372 -2.20 -3.73 23.79
CA GLY A 372 -2.37 -3.63 25.23
C GLY A 372 -2.65 -4.97 25.87
N LYS A 373 -3.71 -5.03 26.67
CA LYS A 373 -4.05 -6.25 27.40
C LYS A 373 -4.86 -7.23 26.55
N GLN A 374 -5.25 -6.85 25.33
CA GLN A 374 -5.87 -7.81 24.43
C GLN A 374 -4.89 -8.88 23.98
N THR A 375 -3.59 -8.58 23.97
CA THR A 375 -2.60 -9.56 23.52
C THR A 375 -2.60 -10.78 24.42
N LYS A 376 -2.48 -10.57 25.73
CA LYS A 376 -2.52 -11.69 26.66
C LYS A 376 -3.85 -12.44 26.57
N ALA A 377 -4.96 -11.71 26.53
CA ALA A 377 -6.26 -12.35 26.56
C ALA A 377 -6.54 -13.09 25.26
N THR A 378 -6.07 -12.56 24.14
CA THR A 378 -6.22 -13.28 22.88
C THR A 378 -5.44 -14.59 22.90
N LEU A 379 -4.22 -14.58 23.44
CA LEU A 379 -3.47 -15.82 23.56
C LEU A 379 -4.13 -16.77 24.55
N ASP A 380 -4.80 -16.25 25.58
CA ASP A 380 -5.51 -17.11 26.52
C ASP A 380 -6.54 -17.98 25.81
N LYS A 381 -7.22 -17.42 24.81
CA LYS A 381 -8.21 -18.19 24.07
C LYS A 381 -7.56 -19.09 23.04
N LEU A 382 -6.67 -18.53 22.21
CA LEU A 382 -6.13 -19.31 21.10
C LEU A 382 -5.24 -20.45 21.58
N THR A 383 -4.66 -20.35 22.77
CA THR A 383 -3.85 -21.43 23.28
C THR A 383 -4.63 -22.43 24.10
N ALA A 384 -5.88 -22.13 24.48
CA ALA A 384 -6.69 -23.10 25.18
C ALA A 384 -6.75 -24.44 24.45
N THR A 385 -6.85 -24.40 23.11
CA THR A 385 -6.99 -25.61 22.32
C THR A 385 -5.68 -26.08 21.70
N GLN A 386 -5.02 -25.20 20.93
CA GLN A 386 -3.84 -25.58 20.16
C GLN A 386 -2.70 -24.61 20.47
N THR A 387 -1.53 -24.93 19.94
CA THR A 387 -0.34 -24.09 20.08
C THR A 387 -0.23 -23.13 18.91
N VAL A 388 0.22 -21.92 19.21
CA VAL A 388 0.23 -20.82 18.25
C VAL A 388 1.65 -20.30 18.11
N ALA A 389 2.12 -20.19 16.86
CA ALA A 389 3.42 -19.58 16.62
C ALA A 389 3.38 -18.08 16.88
N LEU A 390 4.51 -17.54 17.31
CA LEU A 390 4.63 -16.12 17.68
C LEU A 390 5.92 -15.56 17.07
N VAL A 391 5.81 -14.99 15.88
CA VAL A 391 6.95 -14.33 15.25
C VAL A 391 6.99 -12.88 15.73
N ALA A 392 8.12 -12.46 16.28
CA ALA A 392 8.33 -11.10 16.74
C ALA A 392 9.19 -10.36 15.73
N ILE A 393 8.72 -9.20 15.27
CA ILE A 393 9.35 -8.46 14.19
C ILE A 393 9.88 -7.14 14.73
N ASP A 394 11.13 -6.82 14.39
CA ASP A 394 11.77 -5.59 14.79
C ASP A 394 12.43 -4.98 13.56
N LEU A 395 11.98 -3.80 13.17
CA LEU A 395 12.44 -3.15 11.94
C LEU A 395 13.69 -2.32 12.19
N GLY A 396 14.50 -2.19 11.14
CA GLY A 396 15.67 -1.35 11.19
C GLY A 396 16.17 -1.05 9.79
N GLN A 397 17.40 -0.52 9.73
CA GLN A 397 18.06 -0.29 8.46
C GLN A 397 19.32 -1.10 8.27
N THR A 398 20.03 -1.45 9.34
CA THR A 398 21.14 -2.39 9.21
C THR A 398 20.62 -3.78 8.88
N ASN A 399 19.62 -4.22 9.61
CA ASN A 399 18.91 -5.46 9.35
C ASN A 399 17.44 -5.13 9.17
N PRO A 400 16.90 -5.17 7.94
CA PRO A 400 15.52 -4.68 7.74
C PRO A 400 14.51 -5.34 8.65
N ILE A 401 14.43 -6.66 8.67
CA ILE A 401 13.60 -7.39 9.61
C ILE A 401 14.47 -8.36 10.40
N SER A 402 14.24 -8.42 11.69
CA SER A 402 14.74 -9.50 12.55
C SER A 402 13.53 -10.20 13.16
N ALA A 403 13.48 -11.52 13.03
CA ALA A 403 12.32 -12.29 13.44
C ALA A 403 12.70 -13.34 14.47
N GLY A 404 11.85 -13.50 15.48
CA GLY A 404 11.98 -14.60 16.42
C GLY A 404 10.72 -15.42 16.53
N ILE A 405 10.79 -16.69 16.17
CA ILE A 405 9.65 -17.60 16.26
C ILE A 405 9.65 -18.25 17.63
N SER A 406 8.52 -18.16 18.33
CA SER A 406 8.30 -18.94 19.54
C SER A 406 7.10 -19.86 19.34
N ARG A 407 6.82 -20.65 20.37
CA ARG A 407 5.71 -21.61 20.34
C ARG A 407 4.99 -21.55 21.69
N VAL A 408 3.91 -20.79 21.76
CA VAL A 408 3.19 -20.66 23.02
C VAL A 408 2.28 -21.87 23.21
N THR A 409 2.40 -22.50 24.37
CA THR A 409 1.49 -23.55 24.83
C THR A 409 0.92 -23.10 26.16
N GLN A 410 -0.03 -23.84 26.70
CA GLN A 410 -0.67 -23.44 27.95
C GLN A 410 -0.69 -24.59 28.93
N GLU A 411 -0.18 -24.33 30.13
CA GLU A 411 -0.46 -25.07 31.34
C GLU A 411 -1.34 -24.21 32.24
N ASN A 412 -1.97 -24.84 33.22
CA ASN A 412 -3.02 -24.18 33.98
C ASN A 412 -2.54 -22.84 34.53
N GLY A 413 -3.25 -21.78 34.13
CA GLY A 413 -2.95 -20.43 34.59
C GLY A 413 -1.57 -19.93 34.25
N ALA A 414 -0.99 -20.37 33.14
CA ALA A 414 0.19 -19.71 32.59
C ALA A 414 0.25 -20.00 31.10
N LEU A 415 1.10 -19.26 30.40
CA LEU A 415 1.39 -19.49 28.99
C LEU A 415 2.88 -19.74 28.81
N GLN A 416 3.30 -21.00 28.93
CA GLN A 416 4.69 -21.34 28.59
C GLN A 416 4.98 -20.94 27.14
N CYS A 417 5.93 -20.04 26.96
CA CYS A 417 6.33 -19.57 25.62
C CYS A 417 7.70 -20.12 25.28
N GLU A 418 7.74 -21.22 24.54
CA GLU A 418 9.02 -21.80 24.15
C GLU A 418 9.70 -20.91 23.10
N PRO A 419 10.88 -20.37 23.38
CA PRO A 419 11.68 -19.77 22.28
C PRO A 419 12.15 -20.85 21.33
N LEU A 420 11.96 -20.61 20.03
CA LEU A 420 12.28 -21.61 19.02
C LEU A 420 13.40 -21.19 18.07
N ASP A 421 13.31 -20.01 17.47
CA ASP A 421 14.30 -19.64 16.47
C ASP A 421 14.28 -18.15 16.14
N ARG A 422 15.44 -17.52 16.14
CA ARG A 422 15.61 -16.15 15.68
C ARG A 422 16.32 -16.16 14.33
N PHE A 423 15.82 -15.37 13.38
CA PHE A 423 16.43 -15.33 12.05
C PHE A 423 16.19 -13.96 11.43
N THR A 424 16.90 -13.72 10.32
CA THR A 424 16.69 -12.57 9.46
C THR A 424 16.43 -13.05 8.04
N LEU A 425 15.82 -12.19 7.24
CA LEU A 425 15.46 -12.60 5.89
C LEU A 425 16.70 -12.74 5.03
N PRO A 426 16.67 -13.59 4.00
CA PRO A 426 17.91 -14.02 3.35
C PRO A 426 18.60 -12.94 2.54
N ASP A 427 19.72 -13.29 1.92
CA ASP A 427 20.49 -12.34 1.13
C ASP A 427 19.84 -12.03 -0.20
N ASP A 428 18.99 -12.92 -0.72
CA ASP A 428 18.30 -12.63 -1.97
C ASP A 428 17.37 -11.44 -1.82
N LEU A 429 16.58 -11.42 -0.75
CA LEU A 429 15.70 -10.28 -0.53
C LEU A 429 16.47 -9.04 -0.14
N LEU A 430 17.61 -9.19 0.55
CA LEU A 430 18.49 -8.05 0.77
C LEU A 430 19.11 -7.58 -0.54
N LYS A 431 19.47 -8.50 -1.43
CA LYS A 431 20.02 -8.12 -2.71
C LYS A 431 19.02 -7.34 -3.54
N ASP A 432 17.74 -7.73 -3.48
CA ASP A 432 16.71 -7.00 -4.20
C ASP A 432 16.47 -5.62 -3.59
N ILE A 433 16.53 -5.52 -2.26
CA ILE A 433 16.41 -4.21 -1.63
C ILE A 433 17.52 -3.29 -2.09
N SER A 434 18.74 -3.80 -2.17
CA SER A 434 19.85 -3.01 -2.70
C SER A 434 19.61 -2.68 -4.17
N ALA A 435 19.16 -3.67 -4.95
CA ALA A 435 18.94 -3.45 -6.37
C ALA A 435 17.78 -2.50 -6.61
N TYR A 436 16.78 -2.49 -5.73
CA TYR A 436 15.69 -1.53 -5.86
C TYR A 436 16.20 -0.10 -5.67
N ARG A 437 17.14 0.08 -4.75
CA ARG A 437 17.68 1.42 -4.51
C ARG A 437 18.62 1.86 -5.62
N ILE A 438 19.28 0.91 -6.28
CA ILE A 438 20.12 1.26 -7.43
C ILE A 438 19.25 1.61 -8.62
N ALA A 439 18.15 0.88 -8.81
CA ALA A 439 17.25 1.18 -9.92
C ALA A 439 16.63 2.56 -9.76
N TRP A 440 16.30 2.95 -8.53
CA TRP A 440 15.75 4.28 -8.31
C TRP A 440 16.76 5.35 -8.70
N ASP A 441 18.01 5.18 -8.29
CA ASP A 441 19.05 6.13 -8.67
C ASP A 441 19.25 6.15 -10.17
N ARG A 442 19.25 4.97 -10.81
CA ARG A 442 19.40 4.90 -12.25
C ARG A 442 18.25 5.61 -12.95
N ASN A 443 17.02 5.35 -12.49
CA ASN A 443 15.86 6.04 -13.04
C ASN A 443 16.02 7.55 -12.95
N GLU A 444 16.44 8.03 -11.78
CA GLU A 444 16.59 9.48 -11.60
C GLU A 444 17.66 10.04 -12.53
N GLU A 445 18.77 9.33 -12.70
CA GLU A 445 19.83 9.82 -13.57
C GLU A 445 19.39 9.84 -15.02
N GLU A 446 18.64 8.82 -15.45
CA GLU A 446 18.14 8.80 -16.82
C GLU A 446 17.19 9.96 -17.08
N LEU A 447 16.30 10.25 -16.13
CA LEU A 447 15.40 11.39 -16.30
C LEU A 447 16.19 12.68 -16.40
N ARG A 448 17.21 12.84 -15.55
CA ARG A 448 18.07 14.02 -15.64
C ARG A 448 18.80 14.06 -16.98
N ALA A 449 19.34 12.92 -17.41
CA ALA A 449 20.11 12.88 -18.65
C ALA A 449 19.23 13.08 -19.88
N ARG A 450 17.93 12.84 -19.77
CA ARG A 450 17.01 13.10 -20.87
C ARG A 450 16.39 14.49 -20.81
N SER A 451 16.47 15.17 -19.67
CA SER A 451 16.08 16.57 -19.61
C SER A 451 17.13 17.46 -20.26
N VAL A 452 18.39 17.02 -20.27
CA VAL A 452 19.43 17.73 -21.01
C VAL A 452 19.13 17.68 -22.50
N GLU A 453 18.61 16.56 -22.99
CA GLU A 453 18.28 16.43 -24.41
C GLU A 453 17.07 17.26 -24.80
N ALA A 454 16.34 17.82 -23.84
CA ALA A 454 15.22 18.70 -24.10
C ALA A 454 15.62 20.17 -24.18
N LEU A 455 16.90 20.46 -24.09
CA LEU A 455 17.37 21.84 -24.20
C LEU A 455 17.69 22.19 -25.65
N PRO A 456 17.55 23.46 -26.04
CA PRO A 456 18.06 23.86 -27.35
C PRO A 456 19.57 23.68 -27.44
N GLU A 457 20.08 23.68 -28.66
CA GLU A 457 21.47 23.28 -28.87
C GLU A 457 22.43 24.25 -28.20
N ALA A 458 22.03 25.50 -27.99
CA ALA A 458 22.91 26.45 -27.32
C ALA A 458 22.98 26.20 -25.83
N GLN A 459 21.82 26.27 -25.14
CA GLN A 459 21.80 26.02 -23.71
C GLN A 459 22.25 24.60 -23.38
N GLN A 460 22.00 23.64 -24.28
CA GLN A 460 22.47 22.28 -24.06
C GLN A 460 23.98 22.25 -23.87
N ALA A 461 24.72 22.94 -24.75
CA ALA A 461 26.17 22.92 -24.66
C ALA A 461 26.65 23.56 -23.37
N GLU A 462 26.00 24.64 -22.93
CA GLU A 462 26.36 25.26 -21.67
C GLU A 462 26.22 24.27 -20.51
N VAL A 463 25.10 23.55 -20.46
CA VAL A 463 24.87 22.63 -19.35
C VAL A 463 25.86 21.47 -19.39
N ARG A 464 26.10 20.91 -20.57
CA ARG A 464 27.06 19.82 -20.70
C ARG A 464 28.43 20.24 -20.19
N ALA A 465 28.91 21.41 -20.63
CA ALA A 465 30.23 21.89 -20.22
C ALA A 465 30.30 22.11 -18.71
N LEU A 466 29.32 22.82 -18.15
CA LEU A 466 29.41 23.23 -16.76
C LEU A 466 29.40 22.04 -15.81
N ASP A 467 28.54 21.05 -16.07
CA ASP A 467 28.46 19.90 -15.17
C ASP A 467 29.75 19.09 -15.18
N GLY A 468 30.46 19.08 -16.32
CA GLY A 468 31.68 18.31 -16.40
C GLY A 468 32.79 18.84 -15.50
N VAL A 469 32.89 20.17 -15.39
CA VAL A 469 33.92 20.82 -14.63
C VAL A 469 33.34 21.50 -13.38
N SER A 470 32.12 21.14 -13.00
CA SER A 470 31.45 21.80 -11.89
C SER A 470 32.25 21.67 -10.60
N LYS A 471 32.72 20.46 -10.30
CA LYS A 471 33.49 20.27 -9.07
C LYS A 471 34.87 20.90 -9.17
N GLU A 472 35.53 20.75 -10.32
CA GLU A 472 36.83 21.38 -10.52
C GLU A 472 36.74 22.89 -10.42
N THR A 473 35.70 23.48 -11.02
CA THR A 473 35.56 24.94 -10.98
C THR A 473 35.38 25.45 -9.56
N ALA A 474 34.53 24.78 -8.78
CA ALA A 474 34.31 25.21 -7.40
C ALA A 474 35.60 25.11 -6.59
N ARG A 475 36.35 24.01 -6.75
CA ARG A 475 37.58 23.84 -6.00
C ARG A 475 38.57 24.95 -6.29
N THR A 476 38.83 25.20 -7.58
CA THR A 476 39.81 26.23 -7.94
C THR A 476 39.32 27.62 -7.54
N GLN A 477 38.02 27.88 -7.69
CA GLN A 477 37.50 29.19 -7.33
C GLN A 477 37.62 29.45 -5.82
N LEU A 478 37.32 28.45 -5.00
CA LEU A 478 37.43 28.64 -3.55
C LEU A 478 38.88 28.90 -3.14
N CYS A 479 39.80 28.09 -3.65
CA CYS A 479 41.21 28.25 -3.28
C CYS A 479 41.73 29.62 -3.71
N ALA A 480 41.42 30.04 -4.94
CA ALA A 480 41.94 31.31 -5.43
C ALA A 480 41.38 32.48 -4.64
N ASP A 481 40.11 32.41 -4.26
CA ASP A 481 39.49 33.52 -3.55
C ASP A 481 40.09 33.69 -2.17
N PHE A 482 40.32 32.60 -1.45
CA PHE A 482 40.87 32.66 -0.09
C PHE A 482 42.32 32.20 -0.02
N GLY A 483 42.96 31.95 -1.16
CA GLY A 483 44.38 31.68 -1.18
C GLY A 483 44.80 30.32 -0.69
N LEU A 484 43.87 29.47 -0.26
CA LEU A 484 44.24 28.18 0.30
C LEU A 484 44.90 27.30 -0.75
N ASP A 485 45.93 26.58 -0.33
CA ASP A 485 46.59 25.62 -1.22
C ASP A 485 45.74 24.36 -1.30
N PRO A 486 45.35 23.90 -2.49
CA PRO A 486 44.54 22.68 -2.55
C PRO A 486 45.24 21.45 -2.00
N LYS A 487 46.56 21.34 -2.15
CA LYS A 487 47.24 20.11 -1.77
C LYS A 487 47.38 19.96 -0.27
N ARG A 488 47.52 21.06 0.47
CA ARG A 488 47.66 20.99 1.92
C ARG A 488 46.39 20.49 2.59
N LEU A 489 45.24 20.63 1.95
CA LEU A 489 43.95 20.34 2.55
C LEU A 489 43.41 19.02 2.03
N PRO A 490 43.07 18.04 2.87
CA PRO A 490 42.52 16.79 2.37
C PRO A 490 41.12 16.99 1.79
N TRP A 491 40.89 16.44 0.60
CA TRP A 491 39.64 16.61 -0.12
C TRP A 491 38.68 15.44 0.06
N ASP A 492 39.18 14.21 -0.05
CA ASP A 492 38.29 13.06 -0.14
C ASP A 492 37.55 12.79 1.17
N LYS A 493 38.08 13.24 2.30
CA LYS A 493 37.37 13.11 3.57
C LYS A 493 36.53 14.36 3.88
N MET A 494 35.65 14.74 2.96
CA MET A 494 34.71 15.84 3.17
C MET A 494 33.32 15.25 3.35
N SER A 495 32.65 15.66 4.42
CA SER A 495 31.31 15.17 4.72
C SER A 495 30.34 16.34 4.84
N SER A 496 29.11 16.01 5.22
CA SER A 496 28.06 17.02 5.36
C SER A 496 28.27 17.92 6.57
N ASN A 497 29.05 17.50 7.56
CA ASN A 497 29.22 18.27 8.79
C ASN A 497 30.68 18.49 9.15
N THR A 498 31.62 18.10 8.30
CA THR A 498 33.01 18.43 8.57
C THR A 498 33.23 19.93 8.48
N THR A 499 34.39 20.38 8.96
CA THR A 499 34.75 21.79 8.93
C THR A 499 36.20 21.96 8.47
N PHE A 500 36.61 21.19 7.47
CA PHE A 500 38.03 21.22 7.07
C PHE A 500 38.38 22.53 6.39
N ILE A 501 37.50 23.04 5.52
CA ILE A 501 37.82 24.26 4.77
C ILE A 501 38.05 25.43 5.72
N SER A 502 37.20 25.56 6.74
CA SER A 502 37.30 26.70 7.64
C SER A 502 38.58 26.64 8.47
N GLU A 503 38.99 25.46 8.91
CA GLU A 503 40.21 25.36 9.71
C GLU A 503 41.43 25.74 8.87
N ALA A 504 41.46 25.31 7.61
CA ALA A 504 42.49 25.81 6.71
C ALA A 504 42.33 27.30 6.47
N LEU A 505 41.09 27.77 6.36
CA LEU A 505 40.82 29.21 6.31
C LEU A 505 41.33 29.87 7.58
N LEU A 506 40.99 29.31 8.75
CA LEU A 506 41.36 29.93 10.01
C LEU A 506 42.87 29.82 10.26
N SER A 507 43.52 28.81 9.68
CA SER A 507 44.97 28.70 9.80
C SER A 507 45.63 29.90 9.13
N ASN A 508 45.12 30.31 7.98
CA ASN A 508 45.54 31.59 7.40
C ASN A 508 45.08 32.75 8.27
N SER A 509 43.92 32.61 8.93
CA SER A 509 43.43 33.58 9.90
C SER A 509 43.30 34.97 9.26
N VAL A 510 42.44 35.04 8.25
CA VAL A 510 42.19 36.31 7.58
C VAL A 510 41.17 37.12 8.36
N SER A 511 40.09 36.48 8.80
CA SER A 511 39.13 37.12 9.70
C SER A 511 38.15 36.06 10.18
N ARG A 512 37.40 36.40 11.21
CA ARG A 512 36.37 35.53 11.76
C ARG A 512 34.97 35.99 11.37
N ASP A 513 34.86 37.06 10.58
CA ASP A 513 33.55 37.57 10.17
C ASP A 513 32.88 36.62 9.20
N GLN A 514 33.61 36.11 8.23
CA GLN A 514 33.01 35.45 7.07
C GLN A 514 32.45 34.06 7.38
N VAL A 515 32.80 33.47 8.51
CA VAL A 515 32.51 32.07 8.79
C VAL A 515 31.39 31.92 9.81
N PHE A 516 31.57 32.47 11.00
CA PHE A 516 30.56 32.31 12.04
C PHE A 516 29.31 33.12 11.72
N PHE A 517 28.16 32.55 12.11
CA PHE A 517 26.87 33.16 11.83
C PHE A 517 25.91 32.79 12.96
N THR A 518 24.73 33.41 12.93
CA THR A 518 23.78 33.33 14.02
C THR A 518 22.54 32.56 13.58
N PRO A 519 22.60 31.22 13.56
CA PRO A 519 21.46 30.43 13.07
C PRO A 519 20.13 30.86 13.65
N ALA A 520 19.21 31.24 12.76
CA ALA A 520 17.86 31.58 13.19
C ALA A 520 17.22 30.36 13.85
N PRO A 521 16.73 30.48 15.09
CA PRO A 521 16.12 29.31 15.75
C PRO A 521 15.01 28.71 14.89
N LYS A 522 15.06 27.39 14.72
CA LYS A 522 14.07 26.71 13.90
C LYS A 522 12.70 26.84 14.54
N LYS A 523 11.70 27.21 13.74
CA LYS A 523 10.34 27.19 14.25
C LYS A 523 9.96 25.76 14.59
N GLY A 524 9.62 25.53 15.85
CA GLY A 524 9.36 24.18 16.30
C GLY A 524 8.76 24.17 17.68
N ALA A 525 8.59 22.96 18.22
CA ALA A 525 8.25 22.80 19.62
C ALA A 525 9.32 23.39 20.52
N LYS A 526 10.59 23.19 20.16
CA LYS A 526 11.71 23.48 21.05
C LYS A 526 12.36 24.81 20.65
N LYS A 527 12.46 25.72 21.62
CA LYS A 527 13.17 26.99 21.47
C LYS A 527 14.21 27.11 22.58
N LYS A 528 15.47 27.32 22.20
CA LYS A 528 16.48 27.77 23.17
C LYS A 528 17.22 29.00 22.68
N ALA A 529 18.25 29.40 23.43
CA ALA A 529 19.21 30.36 22.92
C ALA A 529 19.87 29.80 21.65
N PRO A 530 20.10 30.62 20.63
CA PRO A 530 20.57 30.06 19.35
C PRO A 530 22.07 29.81 19.37
N VAL A 531 22.45 28.60 18.99
CA VAL A 531 23.86 28.24 18.93
C VAL A 531 24.55 28.99 17.79
N GLU A 532 25.87 29.12 17.92
CA GLU A 532 26.69 29.91 17.01
C GLU A 532 27.46 29.06 16.01
N VAL A 533 27.01 27.83 15.75
CA VAL A 533 27.84 26.83 15.09
C VAL A 533 28.53 27.42 13.86
N MET A 534 29.83 27.17 13.75
CA MET A 534 30.62 27.52 12.58
C MET A 534 30.12 26.78 11.33
N ARG A 535 30.02 27.52 10.23
CA ARG A 535 29.48 26.95 8.99
C ARG A 535 30.44 25.91 8.41
N LYS A 536 29.86 24.84 7.87
CA LYS A 536 30.56 23.63 7.49
C LYS A 536 31.10 23.72 6.06
N ASP A 537 31.71 22.62 5.59
CA ASP A 537 32.28 22.58 4.25
C ASP A 537 31.21 22.32 3.20
N ARG A 538 30.13 21.63 3.56
CA ARG A 538 29.04 21.43 2.62
C ARG A 538 28.39 22.76 2.27
N THR A 539 28.23 23.65 3.25
CA THR A 539 27.69 24.97 2.96
C THR A 539 28.62 25.76 2.05
N TRP A 540 29.93 25.67 2.28
CA TRP A 540 30.88 26.33 1.39
C TRP A 540 30.81 25.76 -0.02
N ALA A 541 30.73 24.44 -0.14
CA ALA A 541 30.70 23.83 -1.47
C ALA A 541 29.46 24.26 -2.24
N ARG A 542 28.31 24.33 -1.56
CA ARG A 542 27.09 24.76 -2.22
C ARG A 542 27.22 26.20 -2.71
N ALA A 543 27.68 27.09 -1.83
CA ALA A 543 27.71 28.52 -2.13
C ALA A 543 28.77 28.89 -3.17
N TYR A 544 29.66 27.97 -3.53
CA TYR A 544 30.69 28.25 -4.53
C TYR A 544 30.56 27.41 -5.79
N LYS A 545 29.54 26.56 -5.90
CA LYS A 545 29.30 25.86 -7.14
C LYS A 545 28.88 26.86 -8.21
N PRO A 546 29.28 26.65 -9.47
CA PRO A 546 29.03 27.66 -10.51
C PRO A 546 27.57 27.63 -10.95
N ARG A 547 26.84 28.67 -10.57
CA ARG A 547 25.41 28.72 -10.84
C ARG A 547 25.14 28.87 -12.33
N LEU A 548 24.04 28.28 -12.77
CA LEU A 548 23.65 28.29 -14.17
C LEU A 548 22.63 29.40 -14.41
N SER A 549 22.66 29.95 -15.62
CA SER A 549 21.83 31.10 -15.95
C SER A 549 20.38 30.86 -15.57
N VAL A 550 19.71 31.93 -15.13
CA VAL A 550 18.33 31.82 -14.68
C VAL A 550 17.43 31.31 -15.80
N GLU A 551 17.64 31.80 -17.02
CA GLU A 551 16.77 31.40 -18.12
C GLU A 551 16.98 29.94 -18.49
N ALA A 552 18.23 29.48 -18.55
CA ALA A 552 18.49 28.09 -18.85
C ALA A 552 18.01 27.18 -17.72
N GLN A 553 18.12 27.64 -16.47
CA GLN A 553 17.64 26.82 -15.36
C GLN A 553 16.12 26.69 -15.39
N LYS A 554 15.41 27.77 -15.71
CA LYS A 554 13.96 27.68 -15.84
C LYS A 554 13.56 26.71 -16.94
N LEU A 555 14.21 26.82 -18.10
CA LEU A 555 13.92 25.90 -19.19
C LEU A 555 14.31 24.47 -18.82
N LYS A 556 15.50 24.28 -18.22
CA LYS A 556 15.98 22.92 -17.95
C LYS A 556 15.10 22.21 -16.93
N ASN A 557 14.70 22.90 -15.87
CA ASN A 557 13.92 22.22 -14.83
C ASN A 557 12.47 22.02 -15.26
N GLU A 558 11.97 22.88 -16.14
CA GLU A 558 10.63 22.67 -16.69
C GLU A 558 10.59 21.42 -17.56
N ALA A 559 11.65 21.18 -18.33
CA ALA A 559 11.72 19.95 -19.11
C ALA A 559 11.70 18.72 -18.20
N LEU A 560 12.45 18.77 -17.10
CA LEU A 560 12.46 17.64 -16.17
C LEU A 560 11.08 17.40 -15.58
N TRP A 561 10.40 18.47 -15.19
CA TRP A 561 9.05 18.32 -14.63
C TRP A 561 8.13 17.63 -15.64
N ALA A 562 8.23 17.99 -16.92
CA ALA A 562 7.39 17.38 -17.93
C ALA A 562 7.71 15.89 -18.07
N LEU A 563 9.00 15.56 -18.16
CA LEU A 563 9.38 14.16 -18.22
C LEU A 563 8.95 13.41 -16.96
N LYS A 564 9.10 14.04 -15.80
CA LYS A 564 8.78 13.37 -14.55
C LYS A 564 7.30 13.06 -14.45
N ARG A 565 6.44 14.00 -14.87
CA ARG A 565 5.00 13.80 -14.73
C ARG A 565 4.51 12.62 -15.58
N THR A 566 5.05 12.47 -16.79
CA THR A 566 4.59 11.45 -17.73
C THR A 566 5.56 10.28 -17.82
N SER A 567 6.20 9.90 -16.71
CA SER A 567 7.18 8.83 -16.73
C SER A 567 6.58 7.54 -16.22
N PRO A 568 6.63 6.44 -16.97
CA PRO A 568 6.05 5.17 -16.49
C PRO A 568 6.83 4.54 -15.36
N GLU A 569 8.01 5.05 -15.03
CA GLU A 569 8.92 4.33 -14.14
C GLU A 569 8.50 4.43 -12.67
N TYR A 570 7.94 5.56 -12.24
CA TYR A 570 7.64 5.71 -10.83
C TYR A 570 6.53 4.78 -10.39
N LEU A 571 5.56 4.53 -11.26
CA LEU A 571 4.61 3.45 -10.99
C LEU A 571 5.31 2.11 -10.95
N LYS A 572 6.25 1.90 -11.87
CA LYS A 572 6.98 0.64 -11.91
C LYS A 572 7.73 0.40 -10.60
N LEU A 573 8.37 1.43 -10.06
CA LEU A 573 9.14 1.27 -8.83
C LEU A 573 8.24 1.22 -7.59
N SER A 574 7.15 2.00 -7.59
CA SER A 574 6.29 2.03 -6.41
C SER A 574 5.63 0.67 -6.19
N ARG A 575 5.19 0.03 -7.27
CA ARG A 575 4.75 -1.36 -7.16
C ARG A 575 5.91 -2.27 -6.78
N ARG A 576 7.09 -2.00 -7.34
CA ARG A 576 8.24 -2.86 -7.07
C ARG A 576 8.59 -2.88 -5.60
N LYS A 577 8.61 -1.72 -4.94
CA LYS A 577 8.93 -1.70 -3.52
C LYS A 577 7.82 -2.37 -2.70
N GLU A 578 6.56 -2.16 -3.07
CA GLU A 578 5.47 -2.76 -2.33
C GLU A 578 5.51 -4.28 -2.45
N GLU A 579 5.68 -4.80 -3.66
CA GLU A 579 5.75 -6.24 -3.84
C GLU A 579 6.99 -6.83 -3.20
N LEU A 580 8.05 -6.03 -3.04
CA LEU A 580 9.24 -6.51 -2.34
C LEU A 580 9.06 -6.47 -0.83
N CYS A 581 8.21 -5.57 -0.34
CA CYS A 581 7.85 -5.59 1.08
C CYS A 581 6.91 -6.75 1.37
N ARG A 582 5.99 -7.03 0.45
CA ARG A 582 5.07 -8.14 0.63
C ARG A 582 5.79 -9.48 0.47
N ARG A 583 6.72 -9.56 -0.48
CA ARG A 583 7.49 -10.79 -0.64
C ARG A 583 8.28 -11.13 0.62
N SER A 584 8.66 -10.11 1.39
CA SER A 584 9.50 -10.33 2.57
C SER A 584 8.70 -10.62 3.82
N ILE A 585 7.37 -10.41 3.79
CA ILE A 585 6.52 -10.88 4.87
C ILE A 585 5.92 -12.24 4.54
N ASN A 586 6.00 -12.68 3.29
CA ASN A 586 5.55 -14.02 2.96
C ASN A 586 6.62 -15.05 3.27
N TYR A 587 7.88 -14.74 2.95
CA TYR A 587 8.98 -15.58 3.42
C TYR A 587 8.91 -15.76 4.92
N VAL A 588 8.77 -14.67 5.66
CA VAL A 588 8.74 -14.74 7.12
C VAL A 588 7.61 -15.67 7.58
N ILE A 589 6.42 -15.48 7.02
CA ILE A 589 5.27 -16.28 7.45
C ILE A 589 5.43 -17.73 7.02
N GLU A 590 5.86 -17.97 5.79
CA GLU A 590 6.00 -19.34 5.33
C GLU A 590 7.11 -20.07 6.08
N LYS A 591 8.19 -19.36 6.40
CA LYS A 591 9.29 -20.02 7.12
C LYS A 591 8.87 -20.40 8.54
N THR A 592 8.21 -19.49 9.25
CA THR A 592 7.73 -19.84 10.59
C THR A 592 6.69 -20.95 10.53
N ARG A 593 5.91 -21.01 9.45
CA ARG A 593 4.85 -22.01 9.38
C ARG A 593 5.39 -23.39 9.04
N ARG A 594 6.45 -23.47 8.22
CA ARG A 594 7.08 -24.75 7.95
C ARG A 594 7.94 -25.21 9.11
N ARG A 595 8.33 -24.30 10.00
CA ARG A 595 9.15 -24.62 11.16
C ARG A 595 8.31 -24.96 12.38
N THR A 596 7.34 -24.11 12.73
CA THR A 596 6.52 -24.38 13.90
C THR A 596 5.50 -25.49 13.65
N GLN A 597 5.24 -25.81 12.38
CA GLN A 597 4.27 -26.85 12.05
C GLN A 597 2.91 -26.59 12.71
N CYS A 598 2.48 -25.33 12.68
CA CYS A 598 1.16 -24.96 13.17
C CYS A 598 0.43 -24.16 12.10
N GLN A 599 -0.89 -24.34 12.03
CA GLN A 599 -1.70 -23.62 11.05
C GLN A 599 -1.71 -22.13 11.35
N ILE A 600 -1.81 -21.75 12.62
CA ILE A 600 -2.10 -20.39 13.03
C ILE A 600 -0.81 -19.71 13.44
N VAL A 601 -0.43 -18.67 12.71
CA VAL A 601 0.74 -17.86 13.00
C VAL A 601 0.25 -16.43 13.25
N ILE A 602 0.61 -15.88 14.40
CA ILE A 602 0.15 -14.54 14.77
C ILE A 602 1.37 -13.64 14.94
N PRO A 603 1.82 -12.95 13.89
CA PRO A 603 3.05 -12.17 14.01
C PRO A 603 2.87 -10.99 14.94
N VAL A 604 3.92 -10.70 15.71
CA VAL A 604 3.92 -9.63 16.70
C VAL A 604 4.86 -8.54 16.19
N ILE A 605 4.31 -7.36 15.94
CA ILE A 605 5.11 -6.26 15.43
C ILE A 605 5.02 -5.10 16.40
N GLU A 606 6.07 -4.27 16.37
CA GLU A 606 6.12 -3.09 17.22
C GLU A 606 5.07 -2.07 16.79
N ASP A 607 4.57 -1.31 17.77
CA ASP A 607 3.55 -0.29 17.53
C ASP A 607 4.22 1.04 17.18
N LEU A 608 5.06 0.99 16.16
CA LEU A 608 5.83 2.16 15.74
C LEU A 608 4.95 3.09 14.90
N ASN A 609 5.04 4.38 15.19
CA ASN A 609 4.28 5.39 14.46
C ASN A 609 5.05 5.73 13.19
N VAL A 610 4.55 5.25 12.05
CA VAL A 610 5.32 5.26 10.82
C VAL A 610 5.62 6.66 10.30
N ARG A 611 4.98 7.69 10.86
CA ARG A 611 5.20 9.03 10.35
C ARG A 611 6.64 9.48 10.56
N PHE A 612 7.30 9.01 11.63
CA PHE A 612 8.68 9.40 11.90
C PHE A 612 9.68 8.31 11.52
N PHE A 613 9.24 7.19 10.97
CA PHE A 613 10.15 6.20 10.39
C PHE A 613 10.07 6.32 8.87
N HIS A 614 10.87 7.22 8.33
CA HIS A 614 10.97 7.42 6.89
C HIS A 614 12.40 7.31 6.39
N GLY A 615 13.37 7.75 7.19
CA GLY A 615 14.75 7.78 6.78
C GLY A 615 15.05 8.94 5.84
N SER A 616 16.17 8.81 5.13
CA SER A 616 16.67 9.86 4.27
C SER A 616 17.47 9.22 3.14
N GLY A 617 17.86 10.05 2.17
CA GLY A 617 18.82 9.62 1.19
C GLY A 617 20.22 9.68 1.75
N LYS A 618 21.20 9.40 0.88
CA LYS A 618 22.58 9.31 1.31
C LYS A 618 23.49 9.88 0.23
N ARG A 619 24.52 10.61 0.66
CA ARG A 619 25.64 10.93 -0.20
C ARG A 619 26.91 10.39 0.46
N LEU A 620 27.76 9.77 -0.35
CA LEU A 620 29.05 9.32 0.16
C LEU A 620 29.90 10.53 0.51
N PRO A 621 30.53 10.58 1.67
CA PRO A 621 31.37 11.74 1.98
C PRO A 621 32.49 11.87 0.96
N GLY A 622 32.83 13.10 0.64
CA GLY A 622 33.84 13.38 -0.37
C GLY A 622 33.57 14.72 -1.00
N TRP A 623 34.60 15.26 -1.68
CA TRP A 623 34.40 16.49 -2.44
C TRP A 623 33.73 16.21 -3.77
N ASP A 624 34.05 15.07 -4.38
CA ASP A 624 33.45 14.72 -5.67
C ASP A 624 31.93 14.55 -5.55
N ASN A 625 31.44 14.19 -4.38
CA ASN A 625 30.05 13.80 -4.20
C ASN A 625 29.21 14.90 -3.56
N PHE A 626 29.73 16.13 -3.47
CA PHE A 626 28.89 17.26 -3.11
C PHE A 626 27.98 17.69 -4.25
N PHE A 627 28.44 17.51 -5.49
CA PHE A 627 27.72 18.01 -6.66
C PHE A 627 26.94 16.92 -7.38
N THR A 628 27.01 15.68 -6.92
CA THR A 628 26.15 14.63 -7.41
C THR A 628 24.86 14.59 -6.61
N ALA A 629 23.88 13.86 -7.14
CA ALA A 629 22.60 13.75 -6.45
C ALA A 629 22.67 12.68 -5.36
N LYS A 630 21.78 12.81 -4.39
CA LYS A 630 21.75 11.88 -3.27
C LYS A 630 21.26 10.51 -3.72
N LYS A 631 22.05 9.48 -3.46
CA LYS A 631 21.58 8.11 -3.66
C LYS A 631 20.41 7.87 -2.72
N GLU A 632 19.37 7.22 -3.23
CA GLU A 632 18.15 7.09 -2.46
C GLU A 632 18.30 5.96 -1.45
N ASN A 633 17.96 6.25 -0.18
CA ASN A 633 18.18 5.31 0.90
C ASN A 633 16.98 5.26 1.85
N ARG A 634 15.77 5.49 1.35
CA ARG A 634 14.63 5.55 2.24
C ARG A 634 14.33 4.18 2.83
N TRP A 635 13.76 4.18 4.03
CA TRP A 635 13.59 2.95 4.79
C TRP A 635 12.35 2.20 4.36
N PHE A 636 12.43 0.87 4.43
CA PHE A 636 11.29 0.00 4.19
C PHE A 636 10.45 -0.21 5.44
N ILE A 637 10.66 0.58 6.50
CA ILE A 637 9.90 0.36 7.73
C ILE A 637 8.41 0.54 7.48
N GLN A 638 8.04 1.60 6.77
CA GLN A 638 6.63 1.83 6.49
C GLN A 638 6.06 0.72 5.62
N GLY A 639 6.81 0.29 4.61
CA GLY A 639 6.35 -0.79 3.76
C GLY A 639 6.06 -2.06 4.55
N LEU A 640 7.04 -2.50 5.33
CA LEU A 640 6.90 -3.77 6.03
C LEU A 640 5.93 -3.66 7.20
N HIS A 641 5.82 -2.48 7.82
CA HIS A 641 4.82 -2.30 8.87
C HIS A 641 3.42 -2.43 8.30
N LYS A 642 3.17 -1.86 7.13
CA LYS A 642 1.85 -1.95 6.52
C LYS A 642 1.57 -3.37 6.04
N ALA A 643 2.59 -4.08 5.56
CA ALA A 643 2.38 -5.40 4.99
C ALA A 643 1.95 -6.40 6.04
N PHE A 644 2.48 -6.27 7.27
CA PHE A 644 2.04 -7.13 8.36
C PHE A 644 0.64 -6.75 8.83
N SER A 645 0.36 -5.45 8.92
CA SER A 645 -0.97 -5.00 9.28
C SER A 645 -1.99 -5.38 8.20
N ASP A 646 -1.55 -5.64 6.98
CA ASP A 646 -2.47 -6.06 5.93
C ASP A 646 -2.77 -7.55 6.02
N LEU A 647 -1.83 -8.35 6.54
CA LEU A 647 -2.12 -9.76 6.81
C LEU A 647 -3.34 -9.88 7.71
N ARG A 648 -3.61 -8.85 8.53
CA ARG A 648 -4.76 -8.89 9.42
C ARG A 648 -6.06 -9.03 8.65
N THR A 649 -6.21 -8.28 7.56
CA THR A 649 -7.46 -8.27 6.81
C THR A 649 -7.41 -9.17 5.58
N HIS A 650 -6.30 -9.17 4.84
CA HIS A 650 -6.23 -9.95 3.63
C HIS A 650 -6.37 -11.44 3.90
N ARG A 651 -5.72 -11.94 4.96
CA ARG A 651 -5.75 -13.36 5.28
C ARG A 651 -6.30 -13.65 6.68
N SER A 652 -7.00 -12.69 7.28
CA SER A 652 -7.63 -12.89 8.58
C SER A 652 -6.62 -13.20 9.68
N PHE A 653 -5.33 -12.93 9.45
CA PHE A 653 -4.34 -13.18 10.48
C PHE A 653 -4.63 -12.33 11.72
N TYR A 654 -4.23 -12.84 12.88
CA TYR A 654 -4.10 -12.01 14.05
C TYR A 654 -2.81 -11.20 13.95
N VAL A 655 -2.86 -9.96 14.41
CA VAL A 655 -1.69 -9.08 14.46
C VAL A 655 -1.61 -8.48 15.85
N PHE A 656 -0.40 -8.36 16.38
CA PHE A 656 -0.17 -7.84 17.72
C PHE A 656 0.68 -6.58 17.63
N GLU A 657 0.07 -5.44 17.93
CA GLU A 657 0.76 -4.17 18.07
C GLU A 657 1.05 -3.93 19.55
N VAL A 658 2.33 -3.82 19.89
CA VAL A 658 2.76 -3.78 21.28
C VAL A 658 3.86 -2.73 21.40
N ARG A 659 3.78 -1.91 22.44
CA ARG A 659 4.60 -0.71 22.51
C ARG A 659 6.06 -1.12 22.64
N PRO A 660 6.96 -0.67 21.74
CA PRO A 660 8.38 -0.99 21.84
C PRO A 660 9.14 0.02 22.69
N GLU A 661 8.67 0.22 23.92
CA GLU A 661 9.26 1.27 24.76
C GLU A 661 10.70 0.94 25.10
N ARG A 662 10.94 -0.20 25.76
CA ARG A 662 12.27 -0.58 26.21
C ARG A 662 12.70 -1.92 25.62
N THR A 663 12.10 -2.35 24.51
CA THR A 663 12.40 -3.67 23.97
C THR A 663 13.84 -3.73 23.48
N SER A 664 14.27 -2.71 22.73
CA SER A 664 15.63 -2.68 22.22
C SER A 664 16.68 -2.48 23.30
N ILE A 665 16.28 -2.24 24.55
CA ILE A 665 17.20 -1.90 25.62
C ILE A 665 17.20 -2.96 26.72
N THR A 666 16.03 -3.30 27.24
CA THR A 666 15.95 -4.12 28.45
C THR A 666 16.65 -5.45 28.24
N CYS A 667 17.69 -5.69 29.03
CA CYS A 667 18.39 -6.97 28.99
C CYS A 667 17.39 -8.12 29.07
N PRO A 668 17.54 -9.15 28.24
CA PRO A 668 16.64 -10.31 28.37
C PRO A 668 16.69 -10.95 29.75
N LYS A 669 17.89 -11.19 30.29
CA LYS A 669 18.01 -11.95 31.52
C LYS A 669 17.49 -11.17 32.73
N CYS A 670 17.82 -9.89 32.82
CA CYS A 670 17.55 -9.10 34.02
C CYS A 670 16.72 -7.87 33.68
N GLY A 671 15.94 -7.43 34.67
CA GLY A 671 14.98 -6.34 34.50
C GLY A 671 15.58 -4.95 34.50
N HIS A 672 16.87 -4.84 34.19
CA HIS A 672 17.59 -3.57 34.27
C HIS A 672 17.66 -2.97 32.86
N CYS A 673 17.16 -1.75 32.72
CA CYS A 673 16.80 -1.19 31.42
C CYS A 673 17.62 0.04 31.06
N GLU A 674 18.75 0.27 31.71
CA GLU A 674 19.54 1.48 31.46
C GLU A 674 19.74 1.68 29.97
N VAL A 675 19.75 2.95 29.56
CA VAL A 675 19.79 3.29 28.14
C VAL A 675 21.15 3.03 27.50
N GLY A 676 22.18 2.80 28.31
CA GLY A 676 23.52 2.63 27.80
C GLY A 676 23.90 1.22 27.39
N ASN A 677 23.00 0.25 27.58
CA ASN A 677 23.33 -1.11 27.17
C ASN A 677 23.39 -1.22 25.65
N ARG A 678 22.43 -0.61 24.96
CA ARG A 678 22.44 -0.62 23.51
C ARG A 678 23.60 0.23 22.99
N ASP A 679 24.23 -0.22 21.90
CA ASP A 679 25.26 0.58 21.26
C ASP A 679 25.13 0.62 19.74
N GLY A 680 23.95 0.29 19.20
CA GLY A 680 23.85 0.08 17.76
C GLY A 680 23.37 -1.31 17.45
N GLU A 681 24.23 -2.11 16.81
CA GLU A 681 23.97 -3.52 16.56
C GLU A 681 24.93 -4.39 17.37
N ALA A 682 25.30 -3.91 18.56
CA ALA A 682 26.09 -4.65 19.53
C ALA A 682 25.52 -4.31 20.92
N PHE A 683 24.61 -5.16 21.40
CA PHE A 683 24.06 -4.96 22.73
C PHE A 683 25.01 -5.55 23.77
N GLN A 684 25.05 -4.91 24.94
CA GLN A 684 25.83 -5.45 26.06
C GLN A 684 25.23 -4.92 27.35
N CYS A 685 24.58 -5.80 28.11
CA CYS A 685 24.11 -5.42 29.43
C CYS A 685 25.29 -4.99 30.30
N LEU A 686 25.04 -4.02 31.20
CA LEU A 686 26.09 -3.49 32.05
C LEU A 686 26.01 -3.98 33.49
N SER A 687 25.17 -4.97 33.79
CA SER A 687 25.24 -5.65 35.09
C SER A 687 25.66 -7.11 34.98
N CYS A 688 24.97 -7.89 34.16
CA CYS A 688 25.34 -9.27 33.86
C CYS A 688 25.97 -9.27 32.46
N GLY A 689 27.27 -9.04 32.40
CA GLY A 689 27.91 -8.81 31.12
C GLY A 689 27.58 -9.90 30.12
N LYS A 690 27.05 -9.48 28.97
CA LYS A 690 26.45 -10.39 28.00
C LYS A 690 26.48 -9.68 26.65
N THR A 691 26.65 -10.46 25.58
CA THR A 691 26.76 -9.90 24.24
C THR A 691 25.77 -10.60 23.32
N CYS A 692 24.80 -9.85 22.82
CA CYS A 692 23.85 -10.34 21.83
C CYS A 692 23.70 -9.31 20.72
N ASN A 693 23.28 -9.78 19.55
CA ASN A 693 22.95 -8.88 18.45
C ASN A 693 21.68 -8.12 18.81
N ALA A 694 21.82 -6.83 19.09
CA ALA A 694 20.70 -6.05 19.62
C ALA A 694 19.41 -6.28 18.85
N ASP A 695 19.50 -6.40 17.53
CA ASP A 695 18.30 -6.62 16.73
C ASP A 695 17.78 -8.04 16.90
N LEU A 696 18.63 -9.03 16.60
CA LEU A 696 18.15 -10.40 16.43
C LEU A 696 17.61 -11.00 17.72
N ASP A 697 18.25 -10.74 18.86
CA ASP A 697 17.99 -11.54 20.05
C ASP A 697 17.36 -10.76 21.19
N VAL A 698 17.88 -9.59 21.54
CA VAL A 698 17.34 -8.87 22.68
C VAL A 698 16.06 -8.15 22.32
N ALA A 699 15.99 -7.58 21.11
CA ALA A 699 14.78 -6.87 20.71
C ALA A 699 13.61 -7.85 20.51
N THR A 700 13.88 -9.00 19.90
CA THR A 700 12.79 -9.95 19.66
C THR A 700 12.41 -10.70 20.93
N HIS A 701 13.40 -11.11 21.73
CA HIS A 701 13.10 -11.72 23.02
C HIS A 701 12.19 -10.83 23.85
N ASN A 702 12.49 -9.54 23.89
CA ASN A 702 11.73 -8.61 24.72
C ASN A 702 10.38 -8.28 24.10
N LEU A 703 10.29 -8.26 22.77
CA LEU A 703 8.99 -8.02 22.13
C LEU A 703 8.02 -9.14 22.47
N THR A 704 8.48 -10.39 22.41
CA THR A 704 7.62 -11.51 22.76
C THR A 704 7.20 -11.43 24.23
N GLN A 705 8.09 -10.99 25.10
CA GLN A 705 7.78 -10.98 26.52
C GLN A 705 6.78 -9.89 26.86
N VAL A 706 6.76 -8.80 26.11
CA VAL A 706 5.70 -7.80 26.26
C VAL A 706 4.46 -8.18 25.45
N ALA A 707 4.54 -9.24 24.65
CA ALA A 707 3.38 -9.79 23.98
C ALA A 707 2.61 -10.72 24.91
N LEU A 708 3.30 -11.68 25.53
CA LEU A 708 2.65 -12.61 26.44
C LEU A 708 1.96 -11.91 27.60
N THR A 709 2.27 -10.64 27.85
CA THR A 709 1.66 -9.89 28.93
C THR A 709 1.28 -8.51 28.44
N GLY A 710 0.09 -8.05 28.83
CA GLY A 710 -0.36 -6.74 28.43
C GLY A 710 0.49 -5.61 29.00
N LYS A 711 1.02 -5.82 30.19
CA LYS A 711 1.72 -4.75 30.89
C LYS A 711 2.89 -4.25 30.06
N THR A 712 3.05 -2.93 30.03
CA THR A 712 4.15 -2.29 29.32
C THR A 712 5.45 -2.50 30.10
N MET A 713 6.56 -2.40 29.39
CA MET A 713 7.83 -2.76 29.97
C MET A 713 8.07 -1.93 31.24
N PRO A 714 8.67 -2.52 32.28
CA PRO A 714 8.92 -1.75 33.50
C PRO A 714 9.93 -0.63 33.28
N LYS A 715 9.75 0.43 34.05
CA LYS A 715 10.63 1.61 34.01
C LYS A 715 11.31 1.75 35.36
N ARG A 716 12.65 1.68 35.37
CA ARG A 716 13.41 1.73 36.60
C ARG A 716 12.83 0.78 37.65
#